data_6EHH
#
_entry.id   6EHH
#
_cell.length_a   58.673
_cell.length_b   142.088
_cell.length_c   58.750
_cell.angle_alpha   90.00
_cell.angle_beta   107.52
_cell.angle_gamma   90.00
#
_symmetry.space_group_name_H-M   'P 1 21 1'
#
loop_
_entity.id
_entity.type
_entity.pdbx_description
1 polymer '7,8-dihydro-8-oxoguanine triphosphatase'
2 non-polymer N~4~-cyclopropyl-6-(2,3-dichlorophenyl)pyrimidine-2,4-diamine
3 non-polymer 'NITRATE ION'
4 non-polymer DI(HYDROXYETHYL)ETHER
5 non-polymer GLYCEROL
6 non-polymer 'COPPER (II) ION'
7 non-polymer 'MAGNESIUM ION'
8 water water
#
_entity_poly.entity_id   1
_entity_poly.type   'polypeptide(L)'
_entity_poly.pdbx_seq_one_letter_code
;MGSSHHHHHHSSGLVPRGSHMSTSRLYTLVLVLQPQRVLLGMKKRGFGAGRWNGFGGKVQEGETIEDGAKRELLEESGLS
VDTLHKVGHISFEFVGSPELMDVHIFSADHVHGTPTESEEMRPQWFQLDQIPFADMWPDDSYWFPLLLQKKKFCGHFKFQ
DQDTILSYSLREVDSF
;
_entity_poly.pdbx_strand_id   A,B,C,D
#
loop_
_chem_comp.id
_chem_comp.type
_chem_comp.name
_chem_comp.formula
2GE non-polymer N~4~-cyclopropyl-6-(2,3-dichlorophenyl)pyrimidine-2,4-diamine 'C13 H12 Cl2 N4'
CU non-polymer 'COPPER (II) ION' 'Cu 2'
GOL non-polymer GLYCEROL 'C3 H8 O3'
MG non-polymer 'MAGNESIUM ION' 'Mg 2'
NO3 non-polymer 'NITRATE ION' 'N O3 -1'
PEG non-polymer DI(HYDROXYETHYL)ETHER 'C4 H10 O3'
#
# COMPACT_ATOMS: atom_id res chain seq x y z
N SER A 22 4.33 -25.43 6.07
CA SER A 22 3.63 -25.34 4.73
C SER A 22 4.62 -25.09 3.59
N THR A 23 4.87 -26.14 2.80
CA THR A 23 5.87 -26.10 1.72
C THR A 23 5.39 -25.31 0.48
N SER A 24 6.27 -25.23 -0.52
CA SER A 24 6.01 -24.55 -1.78
C SER A 24 5.71 -25.53 -2.91
N ARG A 25 5.25 -25.00 -4.05
CA ARG A 25 5.07 -25.77 -5.28
C ARG A 25 5.94 -25.18 -6.39
N LEU A 26 6.45 -26.05 -7.26
CA LEU A 26 7.34 -25.64 -8.35
C LEU A 26 6.57 -25.12 -9.56
N TYR A 27 6.97 -23.93 -10.02
CA TYR A 27 6.49 -23.35 -11.29
C TYR A 27 7.67 -23.09 -12.23
N THR A 28 7.38 -23.01 -13.53
CA THR A 28 8.35 -22.57 -14.54
C THR A 28 7.81 -21.35 -15.27
N LEU A 29 8.73 -20.54 -15.79
CA LEU A 29 8.37 -19.39 -16.62
C LEU A 29 9.41 -19.25 -17.72
N VAL A 30 8.94 -19.31 -18.97
CA VAL A 30 9.81 -19.33 -20.14
C VAL A 30 9.59 -18.06 -20.94
N LEU A 31 10.69 -17.33 -21.16
CA LEU A 31 10.66 -16.07 -21.88
C LEU A 31 11.30 -16.27 -23.23
N VAL A 32 10.50 -16.13 -24.27
CA VAL A 32 10.94 -16.33 -25.64
C VAL A 32 11.63 -15.05 -26.11
N LEU A 33 12.97 -15.04 -26.08
CA LEU A 33 13.74 -13.85 -26.46
C LEU A 33 14.39 -13.99 -27.83
N GLN A 34 14.65 -12.84 -28.44
CA GLN A 34 15.34 -12.72 -29.72
C GLN A 34 16.12 -11.41 -29.67
N PRO A 35 16.97 -11.13 -30.68
CA PRO A 35 17.83 -9.93 -30.60
C PRO A 35 17.09 -8.63 -30.27
N GLN A 36 16.01 -8.34 -30.99
CA GLN A 36 15.27 -7.09 -30.83
C GLN A 36 13.87 -7.24 -30.20
N ARG A 37 13.35 -8.46 -30.05
CA ARG A 37 11.96 -8.66 -29.58
C ARG A 37 11.78 -9.80 -28.57
N VAL A 38 10.60 -9.80 -27.94
CA VAL A 38 10.19 -10.83 -26.98
C VAL A 38 8.74 -11.25 -27.25
N LEU A 39 8.49 -12.55 -27.29
CA LEU A 39 7.15 -13.10 -27.51
C LEU A 39 6.48 -13.38 -26.17
N LEU A 40 5.66 -12.45 -25.70
CA LEU A 40 4.84 -12.67 -24.50
C LEU A 40 3.56 -13.38 -24.86
N GLY A 41 2.79 -13.76 -23.84
CA GLY A 41 1.49 -14.40 -24.01
C GLY A 41 0.43 -13.73 -23.15
N MET A 42 -0.71 -13.41 -23.75
CA MET A 42 -1.87 -12.87 -23.04
C MET A 42 -2.66 -14.01 -22.42
N LYS A 43 -2.72 -14.04 -21.09
CA LYS A 43 -3.43 -15.09 -20.36
C LYS A 43 -4.93 -14.88 -20.49
N LYS A 44 -5.61 -15.91 -21.03
CA LYS A 44 -7.03 -15.83 -21.36
C LYS A 44 -7.93 -16.31 -20.23
N ARG A 45 -7.39 -17.10 -19.31
CA ARG A 45 -8.18 -17.68 -18.22
C ARG A 45 -7.28 -18.11 -17.04
N GLY A 46 -7.87 -18.13 -15.85
CA GLY A 46 -7.18 -18.55 -14.63
C GLY A 46 -6.38 -17.45 -13.97
N PHE A 47 -5.38 -17.86 -13.20
CA PHE A 47 -4.59 -16.94 -12.38
C PHE A 47 -3.68 -16.11 -13.30
N GLY A 48 -3.89 -14.79 -13.26
CA GLY A 48 -3.18 -13.84 -14.14
C GLY A 48 -3.92 -13.54 -15.44
N ALA A 49 -5.23 -13.80 -15.47
CA ALA A 49 -6.04 -13.58 -16.68
C ALA A 49 -6.14 -12.10 -17.03
N GLY A 50 -5.93 -11.76 -18.30
CA GLY A 50 -5.90 -10.38 -18.75
C GLY A 50 -4.54 -9.70 -18.61
N ARG A 51 -3.48 -10.50 -18.37
CA ARG A 51 -2.11 -9.98 -18.26
C ARG A 51 -1.15 -10.65 -19.24
N TRP A 52 -0.18 -9.88 -19.71
CA TRP A 52 0.91 -10.43 -20.52
C TRP A 52 1.93 -11.11 -19.61
N ASN A 53 2.44 -12.25 -20.05
CA ASN A 53 3.43 -13.00 -19.28
C ASN A 53 4.18 -13.95 -20.19
N GLY A 54 5.31 -14.47 -19.73
CA GLY A 54 5.96 -15.59 -20.38
C GLY A 54 5.11 -16.85 -20.26
N PHE A 55 5.54 -17.90 -20.95
CA PHE A 55 4.81 -19.16 -20.97
C PHE A 55 5.32 -20.07 -19.86
N GLY A 56 4.40 -20.72 -19.16
CA GLY A 56 4.77 -21.61 -18.07
C GLY A 56 3.58 -21.97 -17.21
N GLY A 57 3.84 -22.71 -16.14
CA GLY A 57 2.80 -23.21 -15.26
C GLY A 57 3.38 -24.17 -14.25
N LYS A 58 2.53 -25.04 -13.70
CA LYS A 58 2.95 -26.00 -12.68
C LYS A 58 3.92 -27.04 -13.22
N VAL A 59 4.88 -27.42 -12.39
CA VAL A 59 5.76 -28.55 -12.66
C VAL A 59 5.08 -29.77 -12.06
N GLN A 60 4.81 -30.75 -12.91
CA GLN A 60 4.14 -31.99 -12.52
C GLN A 60 5.10 -32.96 -11.82
N GLU A 61 4.53 -34.03 -11.26
CA GLU A 61 5.31 -35.16 -10.75
C GLU A 61 5.87 -35.93 -11.94
N GLY A 62 7.13 -36.34 -11.87
CA GLY A 62 7.72 -37.21 -12.90
C GLY A 62 8.36 -36.54 -14.10
N GLU A 63 8.40 -35.20 -14.09
CA GLU A 63 9.18 -34.42 -15.07
C GLU A 63 10.17 -33.57 -14.29
N THR A 64 11.31 -33.29 -14.90
CA THR A 64 12.25 -32.30 -14.37
C THR A 64 11.64 -30.91 -14.57
N ILE A 65 12.23 -29.92 -13.90
CA ILE A 65 11.75 -28.54 -14.01
C ILE A 65 11.89 -28.06 -15.45
N GLU A 66 13.00 -28.39 -16.09
CA GLU A 66 13.26 -28.00 -17.48
C GLU A 66 12.31 -28.68 -18.47
N ASP A 67 11.94 -29.93 -18.19
CA ASP A 67 10.95 -30.63 -19.03
C ASP A 67 9.59 -29.95 -18.96
N GLY A 68 9.18 -29.58 -17.75
CA GLY A 68 7.94 -28.82 -17.54
C GLY A 68 7.92 -27.50 -18.29
N ALA A 69 9.05 -26.79 -18.25
CA ALA A 69 9.20 -25.51 -18.96
C ALA A 69 8.99 -25.70 -20.47
N LYS A 70 9.68 -26.69 -21.03
CA LYS A 70 9.55 -27.03 -22.45
C LYS A 70 8.12 -27.41 -22.82
N ARG A 71 7.52 -28.27 -21.99
CA ARG A 71 6.15 -28.75 -22.19
C ARG A 71 5.13 -27.62 -22.25
N GLU A 72 5.15 -26.76 -21.23
CA GLU A 72 4.24 -25.62 -21.15
C GLU A 72 4.46 -24.63 -22.30
N LEU A 73 5.70 -24.50 -22.77
CA LEU A 73 6.00 -23.70 -23.96
C LEU A 73 5.38 -24.32 -25.22
N LEU A 74 5.49 -25.64 -25.36
CA LEU A 74 4.86 -26.35 -26.47
C LEU A 74 3.34 -26.23 -26.42
N GLU A 75 2.76 -26.48 -25.24
CA GLU A 75 1.31 -26.48 -25.07
C GLU A 75 0.67 -25.09 -25.19
N GLU A 76 1.33 -24.06 -24.65
CA GLU A 76 0.76 -22.70 -24.62
C GLU A 76 1.03 -21.84 -25.86
N SER A 77 2.19 -22.03 -26.50
CA SER A 77 2.56 -21.26 -27.70
C SER A 77 2.62 -22.07 -29.00
N GLY A 78 2.93 -23.37 -28.91
CA GLY A 78 3.10 -24.22 -30.10
C GLY A 78 4.53 -24.33 -30.57
N LEU A 79 5.49 -23.89 -29.75
CA LEU A 79 6.90 -23.80 -30.12
C LEU A 79 7.76 -24.88 -29.43
N SER A 80 8.77 -25.36 -30.15
CA SER A 80 9.71 -26.36 -29.64
C SER A 80 11.09 -25.77 -29.44
N VAL A 81 11.87 -26.39 -28.55
CA VAL A 81 13.26 -26.05 -28.33
C VAL A 81 14.09 -27.32 -28.13
N ASP A 82 15.39 -27.19 -28.37
CA ASP A 82 16.37 -28.20 -27.98
C ASP A 82 16.85 -27.95 -26.56
N THR A 83 17.06 -26.66 -26.23
CA THR A 83 17.71 -26.23 -24.99
C THR A 83 17.10 -24.92 -24.45
N LEU A 84 17.20 -24.71 -23.13
CA LEU A 84 16.87 -23.44 -22.49
C LEU A 84 18.06 -22.94 -21.68
N HIS A 85 18.02 -21.65 -21.33
CA HIS A 85 19.03 -21.03 -20.45
C HIS A 85 18.43 -20.84 -19.06
N LYS A 86 19.27 -20.99 -18.03
CA LYS A 86 18.88 -20.70 -16.64
C LYS A 86 19.07 -19.19 -16.44
N VAL A 87 18.00 -18.45 -16.18
CA VAL A 87 18.08 -16.99 -16.02
C VAL A 87 17.60 -16.40 -14.69
N GLY A 88 16.72 -17.10 -13.97
CA GLY A 88 16.13 -16.55 -12.75
C GLY A 88 15.54 -17.59 -11.82
N HIS A 89 15.54 -17.27 -10.53
CA HIS A 89 14.90 -18.10 -9.50
C HIS A 89 14.19 -17.15 -8.53
N ILE A 90 12.88 -17.00 -8.70
CA ILE A 90 12.08 -16.09 -7.87
C ILE A 90 11.06 -16.87 -7.04
N SER A 91 11.03 -16.62 -5.73
CA SER A 91 10.03 -17.22 -4.84
C SER A 91 8.96 -16.19 -4.45
N PHE A 92 7.71 -16.44 -4.82
CA PHE A 92 6.60 -15.51 -4.51
C PHE A 92 5.77 -15.99 -3.33
N GLU A 93 5.32 -15.06 -2.50
CA GLU A 93 4.34 -15.35 -1.44
C GLU A 93 3.34 -14.20 -1.31
N PHE A 94 2.17 -14.54 -0.77
CA PHE A 94 1.09 -13.58 -0.54
C PHE A 94 0.79 -13.48 0.94
N VAL A 95 0.34 -12.31 1.36
CA VAL A 95 -0.02 -12.07 2.77
C VAL A 95 -1.25 -12.91 3.10
N GLY A 96 -1.22 -13.57 4.26
CA GLY A 96 -2.29 -14.46 4.70
C GLY A 96 -2.45 -15.77 3.93
N SER A 97 -1.39 -16.19 3.23
CA SER A 97 -1.39 -17.45 2.47
C SER A 97 -0.18 -18.32 2.87
N PRO A 98 -0.42 -19.61 3.18
CA PRO A 98 0.66 -20.49 3.60
C PRO A 98 1.54 -21.03 2.45
N GLU A 99 1.02 -21.02 1.22
CA GLU A 99 1.69 -21.67 0.10
C GLU A 99 2.54 -20.70 -0.72
N LEU A 100 3.78 -21.11 -1.00
CA LEU A 100 4.76 -20.30 -1.72
C LEU A 100 4.89 -20.77 -3.17
N MET A 101 5.13 -19.83 -4.10
CA MET A 101 5.40 -20.16 -5.50
C MET A 101 6.91 -20.13 -5.70
N ASP A 102 7.48 -21.26 -6.13
CA ASP A 102 8.91 -21.37 -6.38
C ASP A 102 9.14 -21.42 -7.89
N VAL A 103 9.44 -20.25 -8.47
CA VAL A 103 9.48 -20.06 -9.93
C VAL A 103 10.90 -20.16 -10.49
N HIS A 104 11.11 -21.11 -11.40
CA HIS A 104 12.36 -21.26 -12.13
C HIS A 104 12.20 -20.64 -13.51
N ILE A 105 12.88 -19.50 -13.71
CA ILE A 105 12.71 -18.70 -14.92
C ILE A 105 13.77 -19.08 -15.96
N PHE A 106 13.34 -19.31 -17.20
CA PHE A 106 14.22 -19.69 -18.30
C PHE A 106 14.03 -18.73 -19.47
N SER A 107 15.11 -18.51 -20.23
CA SER A 107 15.00 -17.85 -21.53
C SER A 107 15.12 -18.89 -22.65
N ALA A 108 14.30 -18.72 -23.68
CA ALA A 108 14.42 -19.49 -24.91
C ALA A 108 14.79 -18.50 -26.01
N ASP A 109 16.10 -18.37 -26.24
CA ASP A 109 16.62 -17.46 -27.27
C ASP A 109 16.63 -18.06 -28.69
N HIS A 110 16.20 -19.31 -28.82
CA HIS A 110 16.05 -19.97 -30.10
C HIS A 110 14.83 -20.90 -30.05
N VAL A 111 14.02 -20.88 -31.11
CA VAL A 111 12.76 -21.65 -31.16
C VAL A 111 12.48 -22.22 -32.55
N HIS A 112 11.72 -23.32 -32.59
CA HIS A 112 11.21 -23.92 -33.82
C HIS A 112 9.69 -23.85 -33.84
N GLY A 113 9.11 -23.74 -35.03
CA GLY A 113 7.66 -23.70 -35.22
C GLY A 113 7.10 -22.29 -35.26
N THR A 114 5.79 -22.20 -35.44
CA THR A 114 5.08 -20.92 -35.53
C THR A 114 4.33 -20.66 -34.21
N PRO A 115 4.37 -19.41 -33.70
CA PRO A 115 3.54 -19.09 -32.53
C PRO A 115 2.04 -19.25 -32.83
N THR A 116 1.39 -20.11 -32.07
CA THR A 116 -0.04 -20.42 -32.22
C THR A 116 -0.78 -20.09 -30.94
N GLU A 117 -1.91 -19.41 -31.08
CA GLU A 117 -2.82 -19.11 -29.98
C GLU A 117 -3.39 -20.42 -29.43
N SER A 118 -3.24 -20.62 -28.11
CA SER A 118 -3.76 -21.80 -27.43
C SER A 118 -5.00 -21.44 -26.62
N GLU A 119 -5.52 -22.42 -25.89
CA GLU A 119 -6.65 -22.22 -24.98
C GLU A 119 -6.29 -21.28 -23.83
N GLU A 120 -5.07 -21.39 -23.32
CA GLU A 120 -4.60 -20.61 -22.17
C GLU A 120 -3.90 -19.29 -22.54
N MET A 121 -3.15 -19.28 -23.65
CA MET A 121 -2.33 -18.11 -24.02
C MET A 121 -2.51 -17.71 -25.50
N ARG A 122 -2.61 -16.41 -25.74
CA ARG A 122 -2.50 -15.81 -27.08
C ARG A 122 -1.14 -15.12 -27.21
N PRO A 123 -0.19 -15.71 -27.96
CA PRO A 123 1.13 -15.06 -28.10
C PRO A 123 1.12 -13.76 -28.91
N GLN A 124 2.06 -12.86 -28.61
CA GLN A 124 2.29 -11.64 -29.40
C GLN A 124 3.73 -11.15 -29.24
N TRP A 125 4.32 -10.64 -30.33
CA TRP A 125 5.68 -10.07 -30.31
C TRP A 125 5.69 -8.60 -29.86
N PHE A 126 6.66 -8.27 -29.00
CA PHE A 126 6.92 -6.91 -28.55
C PHE A 126 8.40 -6.61 -28.71
N GLN A 127 8.73 -5.45 -29.28
CA GLN A 127 10.13 -5.01 -29.33
C GLN A 127 10.59 -4.71 -27.90
N LEU A 128 11.87 -4.94 -27.62
CA LEU A 128 12.40 -4.88 -26.25
C LEU A 128 12.34 -3.49 -25.60
N ASP A 129 12.16 -2.43 -26.40
CA ASP A 129 11.86 -1.08 -25.88
C ASP A 129 10.34 -0.74 -25.84
N GLN A 130 9.47 -1.75 -25.99
CA GLN A 130 8.01 -1.54 -26.04
C GLN A 130 7.26 -2.60 -25.22
N ILE A 131 7.86 -3.03 -24.11
CA ILE A 131 7.33 -4.12 -23.29
C ILE A 131 6.22 -3.54 -22.41
N PRO A 132 5.02 -4.18 -22.40
CA PRO A 132 3.87 -3.58 -21.71
C PRO A 132 3.86 -3.91 -20.22
N PHE A 133 4.83 -3.38 -19.49
CA PHE A 133 4.99 -3.65 -18.06
C PHE A 133 3.74 -3.29 -17.24
N ALA A 134 3.03 -2.26 -17.68
CA ALA A 134 1.75 -1.84 -17.07
C ALA A 134 0.65 -2.91 -17.06
N ASP A 135 0.67 -3.83 -18.02
CA ASP A 135 -0.30 -4.93 -18.09
C ASP A 135 0.37 -6.32 -17.94
N MET A 136 1.48 -6.35 -17.21
CA MET A 136 2.15 -7.60 -16.80
C MET A 136 2.12 -7.63 -15.28
N TRP A 137 2.64 -8.71 -14.68
CA TRP A 137 2.77 -8.79 -13.23
C TRP A 137 3.74 -7.70 -12.76
N PRO A 138 3.46 -7.08 -11.58
CA PRO A 138 4.27 -5.94 -11.11
C PRO A 138 5.76 -6.23 -10.92
N ASP A 139 6.07 -7.45 -10.45
CA ASP A 139 7.46 -7.92 -10.28
C ASP A 139 8.31 -7.90 -11.55
N ASP A 140 7.66 -8.10 -12.72
CA ASP A 140 8.37 -8.09 -14.02
C ASP A 140 9.18 -6.81 -14.27
N SER A 141 8.61 -5.66 -13.89
CA SER A 141 9.32 -4.37 -14.01
C SER A 141 10.67 -4.37 -13.29
N TYR A 142 10.77 -5.12 -12.19
CA TYR A 142 12.01 -5.23 -11.42
C TYR A 142 13.02 -6.23 -12.00
N TRP A 143 12.58 -7.42 -12.40
CA TRP A 143 13.52 -8.47 -12.86
C TRP A 143 13.79 -8.54 -14.37
N PHE A 144 12.94 -7.94 -15.20
CA PHE A 144 13.17 -7.94 -16.65
C PHE A 144 14.48 -7.28 -17.09
N PRO A 145 14.83 -6.12 -16.50
CA PRO A 145 16.11 -5.51 -16.84
C PRO A 145 17.32 -6.43 -16.65
N LEU A 146 17.29 -7.25 -15.60
CA LEU A 146 18.34 -8.24 -15.34
C LEU A 146 18.40 -9.31 -16.45
N LEU A 147 17.23 -9.76 -16.91
CA LEU A 147 17.15 -10.71 -18.02
C LEU A 147 17.71 -10.15 -19.31
N LEU A 148 17.38 -8.90 -19.64
CA LEU A 148 17.81 -8.29 -20.90
C LEU A 148 19.30 -7.90 -20.92
N GLN A 149 19.92 -7.79 -19.75
CA GLN A 149 21.37 -7.62 -19.63
C GLN A 149 22.15 -8.95 -19.55
N LYS A 150 21.45 -10.08 -19.67
CA LYS A 150 22.05 -11.43 -19.61
C LYS A 150 22.65 -11.75 -18.24
N LYS A 151 22.00 -11.26 -17.19
CA LYS A 151 22.42 -11.54 -15.82
C LYS A 151 21.51 -12.60 -15.22
N LYS A 152 22.10 -13.54 -14.50
CA LYS A 152 21.35 -14.52 -13.72
C LYS A 152 20.97 -13.84 -12.42
N PHE A 153 19.74 -14.08 -11.94
CA PHE A 153 19.23 -13.40 -10.75
C PHE A 153 18.45 -14.31 -9.80
N CYS A 154 18.37 -13.89 -8.54
CA CYS A 154 17.70 -14.64 -7.48
C CYS A 154 16.99 -13.68 -6.53
N GLY A 155 15.76 -14.01 -6.15
CA GLY A 155 14.93 -13.07 -5.38
C GLY A 155 13.69 -13.63 -4.72
N HIS A 156 13.15 -12.87 -3.77
N HIS A 156 13.14 -12.83 -3.81
CA HIS A 156 11.89 -13.19 -3.11
CA HIS A 156 11.92 -13.15 -3.07
C HIS A 156 10.97 -11.98 -3.19
C HIS A 156 10.97 -11.96 -3.21
N PHE A 157 9.69 -12.22 -3.42
CA PHE A 157 8.67 -11.15 -3.53
C PHE A 157 7.46 -11.47 -2.64
N LYS A 158 7.15 -10.57 -1.70
CA LYS A 158 5.97 -10.70 -0.85
C LYS A 158 4.89 -9.76 -1.35
N PHE A 159 3.78 -10.34 -1.83
CA PHE A 159 2.67 -9.57 -2.39
C PHE A 159 1.56 -9.36 -1.35
N GLN A 160 1.11 -8.11 -1.22
CA GLN A 160 -0.06 -7.78 -0.39
C GLN A 160 -1.31 -8.29 -1.08
N ASP A 161 -1.44 -7.93 -2.36
CA ASP A 161 -2.47 -8.45 -3.25
C ASP A 161 -1.85 -8.61 -4.66
N GLN A 162 -2.66 -8.70 -5.71
CA GLN A 162 -2.19 -9.10 -7.03
C GLN A 162 -1.53 -7.94 -7.80
N ASP A 163 -1.82 -6.70 -7.39
CA ASP A 163 -1.24 -5.50 -7.98
C ASP A 163 -0.26 -4.77 -7.08
N THR A 164 -0.05 -5.27 -5.85
CA THR A 164 0.71 -4.56 -4.81
C THR A 164 1.81 -5.46 -4.25
N ILE A 165 3.06 -5.05 -4.43
CA ILE A 165 4.20 -5.70 -3.77
C ILE A 165 4.35 -5.06 -2.40
N LEU A 166 4.26 -5.88 -1.34
CA LEU A 166 4.53 -5.38 0.02
C LEU A 166 6.03 -5.18 0.15
N SER A 167 6.78 -6.27 0.03
CA SER A 167 8.24 -6.25 0.13
C SER A 167 8.87 -7.14 -0.93
N TYR A 168 10.12 -6.87 -1.27
CA TYR A 168 10.87 -7.73 -2.19
C TYR A 168 12.39 -7.67 -1.98
N SER A 169 13.05 -8.76 -2.40
CA SER A 169 14.50 -8.89 -2.39
C SER A 169 14.92 -9.38 -3.78
N LEU A 170 15.99 -8.80 -4.33
CA LEU A 170 16.46 -9.13 -5.68
C LEU A 170 17.97 -8.90 -5.81
N ARG A 171 18.69 -9.95 -6.22
CA ARG A 171 20.14 -9.87 -6.42
C ARG A 171 20.55 -10.68 -7.63
N GLU A 172 21.72 -10.34 -8.20
CA GLU A 172 22.33 -11.14 -9.25
C GLU A 172 23.15 -12.27 -8.62
N VAL A 173 23.38 -13.33 -9.40
CA VAL A 173 24.21 -14.45 -8.97
C VAL A 173 25.08 -14.98 -10.11
N ASP A 174 26.24 -15.52 -9.75
CA ASP A 174 27.09 -16.24 -10.69
C ASP A 174 26.53 -17.65 -10.88
N SER A 175 26.09 -18.25 -9.78
CA SER A 175 25.46 -19.58 -9.73
C SER A 175 26.44 -20.72 -10.06
N THR B 23 10.28 15.18 5.31
CA THR B 23 11.65 15.69 4.96
C THR B 23 12.72 14.61 5.10
N SER B 24 13.79 14.73 4.31
CA SER B 24 14.93 13.81 4.33
C SER B 24 16.04 14.32 5.27
N ARG B 25 16.93 13.41 5.67
CA ARG B 25 18.09 13.75 6.51
C ARG B 25 19.20 12.72 6.31
N LEU B 26 20.43 13.18 6.11
CA LEU B 26 21.54 12.30 5.73
C LEU B 26 22.20 11.62 6.93
N TYR B 27 22.51 10.33 6.76
CA TYR B 27 23.24 9.52 7.73
C TYR B 27 24.32 8.71 7.00
N THR B 28 25.33 8.30 7.75
CA THR B 28 26.42 7.49 7.22
C THR B 28 26.69 6.29 8.13
N LEU B 29 27.17 5.19 7.54
CA LEU B 29 27.45 3.96 8.27
C LEU B 29 28.69 3.23 7.74
N VAL B 30 29.63 2.91 8.63
CA VAL B 30 30.91 2.30 8.25
C VAL B 30 31.01 0.90 8.86
N LEU B 31 31.26 -0.09 8.00
CA LEU B 31 31.40 -1.47 8.43
C LEU B 31 32.80 -1.94 8.09
N VAL B 32 33.64 -2.09 9.12
CA VAL B 32 35.02 -2.53 8.91
C VAL B 32 34.99 -4.04 8.67
N LEU B 33 35.21 -4.44 7.43
CA LEU B 33 34.97 -5.81 6.97
C LEU B 33 36.23 -6.44 6.41
N GLN B 34 36.79 -7.39 7.16
CA GLN B 34 37.98 -8.14 6.76
C GLN B 34 37.56 -9.57 6.36
N PRO B 35 38.47 -10.36 5.76
CA PRO B 35 38.09 -11.68 5.25
C PRO B 35 37.38 -12.59 6.26
N GLN B 36 37.89 -12.64 7.49
CA GLN B 36 37.38 -13.55 8.54
C GLN B 36 36.52 -12.88 9.60
N ARG B 37 36.43 -11.55 9.61
CA ARG B 37 35.75 -10.85 10.71
C ARG B 37 35.18 -9.49 10.30
N VAL B 38 34.31 -8.96 11.16
CA VAL B 38 33.70 -7.64 10.99
C VAL B 38 33.65 -6.90 12.33
N LEU B 39 33.92 -5.60 12.30
CA LEU B 39 33.91 -4.78 13.53
C LEU B 39 32.54 -4.12 13.68
N LEU B 40 31.95 -4.28 14.86
CA LEU B 40 30.72 -3.55 15.24
C LEU B 40 30.98 -2.80 16.53
N GLY B 41 30.01 -1.98 16.92
CA GLY B 41 30.06 -1.21 18.16
C GLY B 41 28.77 -1.32 18.95
N MET B 42 28.89 -1.55 20.26
CA MET B 42 27.74 -1.57 21.15
C MET B 42 27.38 -0.13 21.49
N LYS B 43 26.17 0.29 21.11
CA LYS B 43 25.73 1.67 21.33
C LYS B 43 25.24 1.86 22.77
N LYS B 44 25.81 2.88 23.44
CA LYS B 44 25.67 3.06 24.89
C LYS B 44 24.68 4.16 25.30
N ARG B 45 24.20 4.96 24.34
CA ARG B 45 23.22 6.00 24.60
C ARG B 45 22.50 6.44 23.33
N GLY B 46 21.35 7.09 23.49
CA GLY B 46 20.62 7.69 22.38
C GLY B 46 19.84 6.70 21.54
N PHE B 47 19.58 7.08 20.30
CA PHE B 47 18.76 6.28 19.39
C PHE B 47 19.49 5.02 18.94
N GLY B 48 19.00 3.87 19.40
CA GLY B 48 19.61 2.56 19.13
C GLY B 48 20.47 2.00 20.24
N ALA B 49 20.29 2.51 21.47
CA ALA B 49 21.06 2.05 22.63
C ALA B 49 20.72 0.60 22.93
N GLY B 50 21.75 -0.18 23.27
CA GLY B 50 21.62 -1.62 23.50
C GLY B 50 21.85 -2.51 22.29
N ARG B 51 21.95 -1.94 21.08
CA ARG B 51 22.12 -2.69 19.84
C ARG B 51 23.53 -2.56 19.27
N TRP B 52 24.05 -3.65 18.70
CA TRP B 52 25.29 -3.61 17.90
C TRP B 52 25.01 -2.98 16.53
N ASN B 53 25.97 -2.20 16.04
CA ASN B 53 25.85 -1.51 14.75
C ASN B 53 27.23 -1.21 14.17
N GLY B 54 27.27 -0.80 12.91
CA GLY B 54 28.44 -0.15 12.34
C GLY B 54 28.63 1.22 12.97
N PHE B 55 29.75 1.86 12.66
CA PHE B 55 30.04 3.20 13.19
C PHE B 55 29.55 4.27 12.21
N GLY B 56 29.11 5.40 12.76
CA GLY B 56 28.56 6.48 11.94
C GLY B 56 27.64 7.40 12.68
N GLY B 57 26.90 8.20 11.94
CA GLY B 57 26.00 9.20 12.50
C GLY B 57 25.47 10.14 11.44
N LYS B 58 25.05 11.31 11.90
CA LYS B 58 24.51 12.35 11.02
C LYS B 58 25.65 13.02 10.25
N VAL B 59 25.37 13.35 8.99
CA VAL B 59 26.31 14.10 8.16
C VAL B 59 26.07 15.59 8.41
N GLN B 60 27.14 16.29 8.81
CA GLN B 60 27.08 17.73 9.04
C GLN B 60 27.09 18.50 7.71
N GLU B 61 26.53 19.71 7.72
CA GLU B 61 26.64 20.62 6.58
C GLU B 61 28.08 21.11 6.46
N GLY B 62 28.59 21.15 5.23
CA GLY B 62 29.97 21.60 4.95
C GLY B 62 31.03 20.51 4.78
N GLU B 63 30.60 19.24 4.85
CA GLU B 63 31.48 18.11 4.55
C GLU B 63 30.76 17.15 3.63
N THR B 64 31.53 16.32 2.93
CA THR B 64 30.96 15.27 2.09
C THR B 64 30.46 14.13 2.98
N ILE B 65 29.73 13.21 2.36
CA ILE B 65 29.25 12.00 3.04
C ILE B 65 30.45 11.14 3.48
N GLU B 66 31.42 10.96 2.59
CA GLU B 66 32.60 10.14 2.88
C GLU B 66 33.47 10.73 4.00
N ASP B 67 33.59 12.06 4.04
CA ASP B 67 34.27 12.77 5.15
C ASP B 67 33.51 12.59 6.48
N GLY B 68 32.19 12.70 6.43
CA GLY B 68 31.33 12.45 7.59
C GLY B 68 31.52 11.06 8.18
N ALA B 69 31.57 10.06 7.29
CA ALA B 69 31.88 8.68 7.67
C ALA B 69 33.22 8.57 8.40
N LYS B 70 34.25 9.18 7.83
CA LYS B 70 35.60 9.17 8.40
C LYS B 70 35.68 9.80 9.80
N ARG B 71 35.01 10.94 9.96
CA ARG B 71 34.95 11.64 11.25
C ARG B 71 34.25 10.81 12.33
N GLU B 72 33.10 10.23 11.99
CA GLU B 72 32.30 9.45 12.94
C GLU B 72 33.04 8.18 13.39
N LEU B 73 33.70 7.52 12.44
CA LEU B 73 34.55 6.35 12.75
C LEU B 73 35.67 6.73 13.71
N LEU B 74 36.33 7.85 13.42
CA LEU B 74 37.45 8.35 14.24
C LEU B 74 37.02 8.66 15.68
N GLU B 75 35.92 9.40 15.84
CA GLU B 75 35.45 9.79 17.17
C GLU B 75 34.91 8.63 18.03
N GLU B 76 34.28 7.64 17.38
CA GLU B 76 33.61 6.53 18.07
C GLU B 76 34.47 5.31 18.34
N SER B 77 35.39 4.99 17.44
CA SER B 77 36.32 3.86 17.60
C SER B 77 37.77 4.24 17.83
N GLY B 78 38.17 5.44 17.43
CA GLY B 78 39.58 5.84 17.46
C GLY B 78 40.38 5.35 16.25
N LEU B 79 39.69 4.88 15.21
CA LEU B 79 40.34 4.31 14.02
C LEU B 79 40.32 5.26 12.83
N SER B 80 41.37 5.19 12.01
CA SER B 80 41.44 5.95 10.75
C SER B 80 41.41 5.03 9.53
N VAL B 81 40.88 5.57 8.44
CA VAL B 81 40.84 4.90 7.14
C VAL B 81 41.30 5.88 6.06
N ASP B 82 42.08 5.39 5.10
CA ASP B 82 42.52 6.21 3.98
C ASP B 82 41.46 6.23 2.88
N THR B 83 40.81 5.08 2.66
CA THR B 83 39.76 4.97 1.64
C THR B 83 38.57 4.14 2.13
N LEU B 84 37.37 4.56 1.70
CA LEU B 84 36.11 3.87 1.99
C LEU B 84 35.53 3.37 0.67
N HIS B 85 34.90 2.20 0.73
CA HIS B 85 34.20 1.62 -0.41
C HIS B 85 32.70 1.84 -0.22
N LYS B 86 32.06 2.46 -1.20
CA LYS B 86 30.60 2.67 -1.18
C LYS B 86 29.92 1.32 -1.41
N VAL B 87 29.00 0.94 -0.52
CA VAL B 87 28.29 -0.35 -0.61
C VAL B 87 26.76 -0.26 -0.57
N GLY B 88 26.21 0.56 0.33
CA GLY B 88 24.75 0.60 0.53
C GLY B 88 24.14 1.98 0.44
N HIS B 89 22.89 2.03 -0.01
CA HIS B 89 22.07 3.23 0.06
C HIS B 89 20.67 2.81 0.50
N ILE B 90 20.41 2.90 1.80
CA ILE B 90 19.12 2.53 2.37
C ILE B 90 18.47 3.76 2.99
N SER B 91 17.21 3.99 2.66
CA SER B 91 16.39 5.00 3.34
C SER B 91 15.45 4.31 4.33
N PHE B 92 15.15 5.01 5.43
CA PHE B 92 14.28 4.47 6.48
C PHE B 92 13.20 5.47 6.86
N GLU B 93 11.96 5.02 6.88
CA GLU B 93 10.84 5.81 7.41
C GLU B 93 10.14 5.03 8.51
N PHE B 94 9.69 5.76 9.53
CA PHE B 94 8.89 5.19 10.61
C PHE B 94 7.44 5.67 10.49
N VAL B 95 6.51 4.83 10.95
CA VAL B 95 5.10 5.19 10.98
C VAL B 95 4.90 6.35 11.95
N GLY B 96 4.29 7.44 11.46
CA GLY B 96 4.03 8.62 12.26
C GLY B 96 5.08 9.71 12.13
N SER B 97 6.36 9.32 12.22
CA SER B 97 7.48 10.25 12.12
C SER B 97 7.57 10.88 10.72
N PRO B 98 7.67 12.22 10.64
CA PRO B 98 7.83 12.88 9.34
C PRO B 98 9.25 12.77 8.75
N GLU B 99 10.26 12.67 9.62
CA GLU B 99 11.66 12.64 9.20
C GLU B 99 12.00 11.30 8.53
N LEU B 100 12.80 11.37 7.47
CA LEU B 100 13.23 10.20 6.70
C LEU B 100 14.75 10.09 6.72
N MET B 101 15.27 8.99 7.27
CA MET B 101 16.70 8.77 7.40
C MET B 101 17.26 8.22 6.09
N ASP B 102 18.12 9.00 5.43
CA ASP B 102 18.84 8.54 4.23
C ASP B 102 20.23 8.06 4.66
N VAL B 103 20.46 6.74 4.61
CA VAL B 103 21.69 6.13 5.14
C VAL B 103 22.61 5.65 4.03
N HIS B 104 23.83 6.19 4.00
CA HIS B 104 24.85 5.78 3.03
C HIS B 104 25.83 4.86 3.74
N ILE B 105 25.86 3.60 3.32
CA ILE B 105 26.67 2.58 4.00
C ILE B 105 27.99 2.38 3.26
N PHE B 106 29.09 2.36 4.01
CA PHE B 106 30.44 2.20 3.47
C PHE B 106 31.14 1.04 4.16
N SER B 107 32.13 0.47 3.46
CA SER B 107 32.97 -0.58 4.01
C SER B 107 34.44 -0.24 3.85
N ALA B 108 35.25 -0.85 4.71
CA ALA B 108 36.69 -0.72 4.65
C ALA B 108 37.26 -2.02 5.18
N ASP B 109 38.39 -2.45 4.60
CA ASP B 109 39.06 -3.67 5.06
C ASP B 109 40.41 -3.39 5.73
N HIS B 110 40.77 -2.12 5.86
CA HIS B 110 42.07 -1.72 6.41
C HIS B 110 41.93 -0.45 7.23
N VAL B 111 42.37 -0.52 8.49
CA VAL B 111 42.32 0.61 9.41
C VAL B 111 43.66 0.84 10.09
N HIS B 112 43.80 2.00 10.71
CA HIS B 112 44.98 2.37 11.49
C HIS B 112 44.52 2.68 12.90
N GLY B 113 45.29 2.22 13.88
CA GLY B 113 44.98 2.42 15.31
C GLY B 113 44.33 1.20 15.95
N THR B 114 44.08 1.31 17.25
CA THR B 114 43.45 0.26 18.04
C THR B 114 42.00 0.63 18.31
N PRO B 115 41.04 -0.28 18.03
CA PRO B 115 39.64 0.04 18.36
C PRO B 115 39.44 0.31 19.85
N THR B 116 39.24 1.59 20.18
CA THR B 116 39.10 2.06 21.56
C THR B 116 37.64 2.45 21.81
N GLU B 117 37.19 2.22 23.04
CA GLU B 117 35.83 2.57 23.44
C GLU B 117 35.70 4.08 23.60
N SER B 118 34.57 4.62 23.13
CA SER B 118 34.23 6.03 23.24
C SER B 118 32.97 6.19 24.10
N GLU B 119 32.46 7.41 24.19
CA GLU B 119 31.26 7.70 24.99
C GLU B 119 30.00 7.01 24.48
N GLU B 120 29.83 6.95 23.15
CA GLU B 120 28.61 6.41 22.55
C GLU B 120 28.73 5.01 21.93
N MET B 121 29.94 4.48 21.79
CA MET B 121 30.17 3.19 21.13
C MET B 121 31.32 2.40 21.76
N ARG B 122 31.07 1.14 22.07
CA ARG B 122 32.11 0.21 22.51
C ARG B 122 32.41 -0.76 21.35
N PRO B 123 33.57 -0.59 20.67
CA PRO B 123 33.92 -1.52 19.59
C PRO B 123 34.15 -2.96 20.03
N GLN B 124 33.87 -3.90 19.12
CA GLN B 124 34.15 -5.33 19.35
C GLN B 124 34.21 -6.06 18.02
N TRP B 125 35.22 -6.91 17.84
CA TRP B 125 35.36 -7.74 16.65
C TRP B 125 34.46 -8.96 16.77
N PHE B 126 33.97 -9.44 15.64
CA PHE B 126 33.16 -10.64 15.55
C PHE B 126 33.62 -11.43 14.34
N GLN B 127 33.81 -12.73 14.51
CA GLN B 127 33.99 -13.64 13.37
C GLN B 127 32.69 -13.63 12.56
N LEU B 128 32.80 -13.79 11.24
CA LEU B 128 31.65 -13.59 10.34
C LEU B 128 30.50 -14.58 10.51
N ASP B 129 30.76 -15.76 11.09
CA ASP B 129 29.70 -16.74 11.43
C ASP B 129 29.17 -16.63 12.87
N GLN B 130 29.49 -15.52 13.56
CA GLN B 130 29.06 -15.27 14.94
C GLN B 130 28.49 -13.86 15.11
N ILE B 131 27.89 -13.31 14.05
CA ILE B 131 27.32 -11.96 14.05
C ILE B 131 25.99 -11.98 14.81
N PRO B 132 25.82 -11.13 15.84
CA PRO B 132 24.64 -11.19 16.69
C PRO B 132 23.46 -10.39 16.12
N PHE B 133 22.84 -10.94 15.07
CA PHE B 133 21.70 -10.28 14.40
C PHE B 133 20.49 -10.04 15.30
N ALA B 134 20.31 -10.90 16.30
CA ALA B 134 19.27 -10.73 17.31
C ALA B 134 19.44 -9.42 18.10
N ASP B 135 20.69 -9.06 18.39
CA ASP B 135 21.00 -7.79 19.06
C ASP B 135 21.57 -6.76 18.07
N MET B 136 20.93 -6.64 16.91
CA MET B 136 21.23 -5.61 15.91
C MET B 136 19.91 -5.04 15.38
N TRP B 137 20.00 -3.96 14.61
CA TRP B 137 18.83 -3.44 13.91
C TRP B 137 18.25 -4.53 12.98
N PRO B 138 16.90 -4.74 13.00
CA PRO B 138 16.32 -5.87 12.28
C PRO B 138 16.67 -5.92 10.80
N ASP B 139 16.64 -4.75 10.15
CA ASP B 139 17.06 -4.62 8.74
C ASP B 139 18.43 -5.22 8.38
N ASP B 140 19.37 -5.26 9.34
CA ASP B 140 20.73 -5.81 9.11
C ASP B 140 20.74 -7.25 8.61
N SER B 141 19.81 -8.07 9.12
CA SER B 141 19.69 -9.48 8.70
C SER B 141 19.32 -9.65 7.22
N TYR B 142 18.66 -8.65 6.64
CA TYR B 142 18.28 -8.66 5.23
C TYR B 142 19.43 -8.24 4.30
N TRP B 143 20.14 -7.16 4.65
CA TRP B 143 21.19 -6.59 3.75
C TRP B 143 22.65 -6.99 4.05
N PHE B 144 22.92 -7.57 5.21
CA PHE B 144 24.29 -8.04 5.53
C PHE B 144 24.80 -9.10 4.55
N PRO B 145 23.97 -10.10 4.20
CA PRO B 145 24.38 -11.06 3.17
C PRO B 145 24.88 -10.44 1.86
N LEU B 146 24.31 -9.31 1.44
CA LEU B 146 24.74 -8.61 0.23
C LEU B 146 26.14 -8.01 0.41
N LEU B 147 26.34 -7.34 1.54
CA LEU B 147 27.65 -6.84 1.97
C LEU B 147 28.69 -7.97 2.01
N LEU B 148 28.32 -9.09 2.63
CA LEU B 148 29.24 -10.24 2.80
C LEU B 148 29.51 -10.99 1.49
N GLN B 149 28.60 -10.86 0.51
CA GLN B 149 28.85 -11.33 -0.86
C GLN B 149 29.59 -10.28 -1.73
N LYS B 150 30.10 -9.21 -1.11
CA LYS B 150 30.78 -8.10 -1.78
C LYS B 150 29.93 -7.45 -2.89
N LYS B 151 28.63 -7.31 -2.60
CA LYS B 151 27.68 -6.74 -3.55
C LYS B 151 27.21 -5.37 -3.06
N LYS B 152 26.99 -4.45 -4.01
CA LYS B 152 26.44 -3.13 -3.70
C LYS B 152 24.92 -3.22 -3.78
N PHE B 153 24.21 -2.29 -3.13
CA PHE B 153 22.74 -2.36 -3.07
C PHE B 153 22.06 -1.04 -2.69
N CYS B 154 20.88 -0.81 -3.27
CA CYS B 154 19.98 0.26 -2.85
C CYS B 154 18.82 -0.38 -2.09
N GLY B 155 18.16 0.40 -1.24
CA GLY B 155 17.04 -0.14 -0.48
C GLY B 155 16.17 0.86 0.24
N HIS B 156 15.06 0.36 0.77
CA HIS B 156 14.14 1.13 1.59
C HIS B 156 13.46 0.20 2.59
N PHE B 157 13.20 0.69 3.79
CA PHE B 157 12.48 -0.06 4.84
C PHE B 157 11.45 0.84 5.50
N LYS B 158 10.25 0.31 5.74
CA LYS B 158 9.22 1.01 6.53
C LYS B 158 9.08 0.33 7.88
N PHE B 159 9.15 1.12 8.96
CA PHE B 159 9.07 0.60 10.34
C PHE B 159 7.83 1.13 11.08
N GLN B 160 7.15 0.24 11.80
CA GLN B 160 6.05 0.63 12.69
C GLN B 160 6.63 1.15 14.01
N ASP B 161 7.57 0.36 14.55
CA ASP B 161 8.35 0.75 15.73
C ASP B 161 9.81 0.27 15.50
N GLN B 162 10.67 0.43 16.49
CA GLN B 162 12.09 0.09 16.33
C GLN B 162 12.41 -1.42 16.20
N ASP B 163 11.42 -2.28 16.47
CA ASP B 163 11.58 -3.75 16.38
C ASP B 163 10.80 -4.43 15.24
N THR B 164 9.97 -3.68 14.50
CA THR B 164 8.99 -4.27 13.58
C THR B 164 9.01 -3.61 12.20
N ILE B 165 9.38 -4.40 11.18
CA ILE B 165 9.40 -3.95 9.79
C ILE B 165 8.04 -4.25 9.15
N LEU B 166 7.46 -3.25 8.50
CA LEU B 166 6.18 -3.39 7.77
C LEU B 166 6.41 -3.82 6.32
N SER B 167 7.36 -3.16 5.67
CA SER B 167 7.72 -3.45 4.28
C SER B 167 9.16 -3.09 4.00
N TYR B 168 9.69 -3.59 2.89
CA TYR B 168 11.07 -3.33 2.51
C TYR B 168 11.35 -3.56 1.03
N SER B 169 12.16 -2.69 0.45
CA SER B 169 12.72 -2.84 -0.87
C SER B 169 14.23 -3.03 -0.72
N LEU B 170 14.79 -4.03 -1.40
CA LEU B 170 16.23 -4.30 -1.34
C LEU B 170 16.70 -4.86 -2.69
N ARG B 171 17.63 -4.16 -3.33
CA ARG B 171 18.00 -4.41 -4.73
C ARG B 171 19.50 -4.20 -4.93
N GLU B 172 20.17 -5.21 -5.51
CA GLU B 172 21.57 -5.07 -5.92
C GLU B 172 21.73 -4.10 -7.09
N VAL B 173 22.84 -3.37 -7.09
CA VAL B 173 23.23 -2.49 -8.21
C VAL B 173 24.71 -2.68 -8.54
N ASP B 174 25.10 -2.27 -9.74
CA ASP B 174 26.49 -2.41 -10.22
C ASP B 174 27.24 -1.10 -10.07
N THR C 23 -7.60 39.67 -14.25
CA THR C 23 -7.01 38.80 -13.20
C THR C 23 -8.07 37.95 -12.49
N SER C 24 -9.05 38.60 -11.85
CA SER C 24 -10.00 37.90 -10.99
C SER C 24 -11.05 37.08 -11.77
N ARG C 25 -11.60 36.06 -11.12
CA ARG C 25 -12.67 35.23 -11.69
C ARG C 25 -13.50 34.58 -10.57
N LEU C 26 -14.83 34.62 -10.72
CA LEU C 26 -15.73 34.23 -9.63
C LEU C 26 -16.03 32.74 -9.60
N TYR C 27 -15.85 32.15 -8.42
CA TYR C 27 -16.22 30.77 -8.14
C TYR C 27 -17.14 30.75 -6.93
N THR C 28 -17.86 29.64 -6.76
CA THR C 28 -18.74 29.45 -5.62
C THR C 28 -18.54 28.07 -5.02
N LEU C 29 -18.81 27.92 -3.72
CA LEU C 29 -18.61 26.65 -3.01
C LEU C 29 -19.66 26.46 -1.91
N VAL C 30 -20.35 25.31 -1.93
CA VAL C 30 -21.42 25.00 -0.99
C VAL C 30 -20.99 23.84 -0.09
N LEU C 31 -21.18 24.02 1.22
CA LEU C 31 -20.89 23.00 2.21
C LEU C 31 -22.14 22.72 3.02
N VAL C 32 -22.76 21.56 2.80
CA VAL C 32 -23.96 21.19 3.54
C VAL C 32 -23.52 20.71 4.94
N LEU C 33 -23.55 21.62 5.89
CA LEU C 33 -23.10 21.35 7.26
C LEU C 33 -24.30 21.18 8.19
N GLN C 34 -24.34 20.05 8.87
CA GLN C 34 -25.32 19.76 9.90
C GLN C 34 -24.56 19.54 11.22
N PRO C 35 -25.26 19.46 12.37
CA PRO C 35 -24.57 19.39 13.67
C PRO C 35 -23.54 18.26 13.83
N GLN C 36 -23.85 17.07 13.30
CA GLN C 36 -23.00 15.88 13.42
C GLN C 36 -22.15 15.55 12.18
N ARG C 37 -22.53 16.08 11.01
CA ARG C 37 -21.92 15.67 9.75
C ARG C 37 -21.81 16.79 8.72
N VAL C 38 -21.01 16.54 7.67
CA VAL C 38 -20.88 17.45 6.53
C VAL C 38 -20.78 16.64 5.24
N LEU C 39 -21.54 17.06 4.24
CA LEU C 39 -21.56 16.40 2.95
C LEU C 39 -20.42 16.96 2.11
N LEU C 40 -19.63 16.07 1.52
CA LEU C 40 -18.57 16.44 0.60
C LEU C 40 -18.70 15.65 -0.68
N GLY C 41 -17.96 16.06 -1.70
CA GLY C 41 -17.96 15.41 -3.00
C GLY C 41 -16.56 15.07 -3.49
N MET C 42 -16.37 13.82 -3.92
CA MET C 42 -15.13 13.40 -4.57
C MET C 42 -15.17 13.85 -6.02
N LYS C 43 -14.24 14.73 -6.40
CA LYS C 43 -14.15 15.23 -7.78
C LYS C 43 -13.52 14.19 -8.70
N LYS C 44 -14.22 13.85 -9.78
CA LYS C 44 -13.86 12.74 -10.66
C LYS C 44 -13.11 13.16 -11.94
N ARG C 45 -13.12 14.47 -12.24
CA ARG C 45 -12.45 15.02 -13.43
C ARG C 45 -12.09 16.49 -13.21
N GLY C 46 -11.21 17.01 -14.06
CA GLY C 46 -10.93 18.44 -14.10
C GLY C 46 -10.04 18.93 -12.98
N PHE C 47 -10.16 20.22 -12.67
CA PHE C 47 -9.26 20.87 -11.72
C PHE C 47 -9.59 20.47 -10.29
N GLY C 48 -8.69 19.69 -9.69
CA GLY C 48 -8.87 19.15 -8.33
C GLY C 48 -9.41 17.73 -8.29
N ALA C 49 -9.23 16.98 -9.37
CA ALA C 49 -9.74 15.60 -9.46
C ALA C 49 -8.99 14.69 -8.49
N GLY C 50 -9.74 13.79 -7.85
CA GLY C 50 -9.19 12.89 -6.83
C GLY C 50 -9.19 13.43 -5.41
N ARG C 51 -9.77 14.63 -5.20
CA ARG C 51 -9.87 15.25 -3.89
C ARG C 51 -11.32 15.49 -3.50
N TRP C 52 -11.61 15.36 -2.20
CA TRP C 52 -12.91 15.73 -1.64
C TRP C 52 -13.02 17.24 -1.57
N ASN C 53 -14.22 17.77 -1.82
CA ASN C 53 -14.49 19.20 -1.76
C ASN C 53 -15.99 19.43 -1.58
N GLY C 54 -16.37 20.66 -1.23
CA GLY C 54 -17.76 21.08 -1.30
C GLY C 54 -18.20 21.20 -2.76
N PHE C 55 -19.51 21.30 -2.97
CA PHE C 55 -20.07 21.37 -4.32
C PHE C 55 -20.06 22.82 -4.85
N GLY C 56 -19.74 22.97 -6.12
CA GLY C 56 -19.65 24.31 -6.72
C GLY C 56 -18.92 24.33 -8.05
N GLY C 57 -18.70 25.54 -8.55
CA GLY C 57 -17.99 25.76 -9.80
C GLY C 57 -17.88 27.23 -10.13
N LYS C 58 -17.76 27.55 -11.41
CA LYS C 58 -17.67 28.93 -11.89
C LYS C 58 -19.04 29.60 -11.87
N VAL C 59 -19.05 30.88 -11.53
CA VAL C 59 -20.26 31.70 -11.62
C VAL C 59 -20.33 32.26 -13.04
N GLN C 60 -21.51 32.13 -13.67
CA GLN C 60 -21.71 32.56 -15.05
C GLN C 60 -22.07 34.03 -15.14
N GLU C 61 -22.07 34.55 -16.37
CA GLU C 61 -22.61 35.87 -16.65
C GLU C 61 -24.13 35.79 -16.60
N GLY C 62 -24.76 36.73 -15.91
CA GLY C 62 -26.22 36.82 -15.84
C GLY C 62 -26.90 36.18 -14.65
N GLU C 63 -26.16 35.42 -13.85
CA GLU C 63 -26.69 34.89 -12.57
C GLU C 63 -25.94 35.55 -11.42
N THR C 64 -26.60 35.62 -10.27
CA THR C 64 -25.95 36.06 -9.04
C THR C 64 -25.00 34.96 -8.55
N ILE C 65 -24.12 35.33 -7.63
CA ILE C 65 -23.22 34.38 -6.97
C ILE C 65 -24.02 33.25 -6.29
N GLU C 66 -25.09 33.62 -5.59
CA GLU C 66 -25.91 32.67 -4.85
C GLU C 66 -26.68 31.69 -5.75
N ASP C 67 -27.23 32.20 -6.85
CA ASP C 67 -27.91 31.34 -7.85
C ASP C 67 -26.93 30.40 -8.56
N GLY C 68 -25.68 30.82 -8.73
CA GLY C 68 -24.62 29.94 -9.20
C GLY C 68 -24.39 28.78 -8.24
N ALA C 69 -24.27 29.10 -6.95
CA ALA C 69 -24.12 28.09 -5.88
C ALA C 69 -25.28 27.08 -5.87
N LYS C 70 -26.50 27.57 -5.94
CA LYS C 70 -27.70 26.73 -5.96
C LYS C 70 -27.78 25.84 -7.21
N ARG C 71 -27.41 26.38 -8.36
CA ARG C 71 -27.36 25.62 -9.62
C ARG C 71 -26.30 24.52 -9.53
N GLU C 72 -25.10 24.89 -9.11
CA GLU C 72 -23.96 23.96 -9.06
C GLU C 72 -24.18 22.81 -8.06
N LEU C 73 -24.83 23.09 -6.93
CA LEU C 73 -25.19 22.04 -5.97
C LEU C 73 -26.19 21.06 -6.57
N LEU C 74 -27.23 21.59 -7.21
CA LEU C 74 -28.27 20.77 -7.84
C LEU C 74 -27.69 19.87 -8.93
N GLU C 75 -26.90 20.46 -9.83
CA GLU C 75 -26.32 19.70 -10.93
C GLU C 75 -25.30 18.63 -10.50
N GLU C 76 -24.50 18.94 -9.48
CA GLU C 76 -23.42 18.05 -9.03
C GLU C 76 -23.82 17.03 -7.95
N SER C 77 -24.89 17.30 -7.21
CA SER C 77 -25.38 16.36 -6.18
C SER C 77 -26.88 15.98 -6.25
N GLY C 78 -27.67 16.68 -7.06
CA GLY C 78 -29.12 16.49 -7.06
C GLY C 78 -29.88 17.13 -5.90
N LEU C 79 -29.18 17.91 -5.06
CA LEU C 79 -29.80 18.51 -3.87
C LEU C 79 -30.25 19.94 -4.12
N SER C 80 -31.44 20.27 -3.62
CA SER C 80 -31.98 21.64 -3.65
C SER C 80 -31.86 22.27 -2.28
N VAL C 81 -31.63 23.58 -2.26
CA VAL C 81 -31.68 24.38 -1.04
C VAL C 81 -32.49 25.65 -1.29
N ASP C 82 -33.34 26.01 -0.33
CA ASP C 82 -34.07 27.27 -0.38
C ASP C 82 -33.18 28.41 0.14
N THR C 83 -32.35 28.14 1.15
CA THR C 83 -31.56 29.16 1.83
C THR C 83 -30.10 28.75 1.99
N LEU C 84 -29.19 29.60 1.51
CA LEU C 84 -27.76 29.47 1.74
C LEU C 84 -27.31 30.55 2.71
N HIS C 85 -26.28 30.24 3.50
CA HIS C 85 -25.71 31.17 4.47
C HIS C 85 -24.30 31.58 4.03
N LYS C 86 -24.02 32.87 4.09
CA LYS C 86 -22.71 33.42 3.72
C LYS C 86 -21.69 33.18 4.84
N VAL C 87 -20.60 32.47 4.52
CA VAL C 87 -19.59 32.11 5.52
C VAL C 87 -18.13 32.46 5.19
N GLY C 88 -17.77 32.49 3.91
CA GLY C 88 -16.38 32.69 3.52
C GLY C 88 -16.19 33.50 2.26
N HIS C 89 -15.07 34.23 2.20
CA HIS C 89 -14.61 34.88 0.99
C HIS C 89 -13.09 34.72 0.93
N ILE C 90 -12.64 33.73 0.16
CA ILE C 90 -11.22 33.44 0.01
C ILE C 90 -10.81 33.62 -1.45
N SER C 91 -9.69 34.31 -1.66
CA SER C 91 -9.09 34.43 -2.99
C SER C 91 -7.86 33.52 -3.08
N PHE C 92 -7.58 33.01 -4.27
CA PHE C 92 -6.47 32.10 -4.50
C PHE C 92 -5.63 32.54 -5.68
N GLU C 93 -4.30 32.50 -5.52
CA GLU C 93 -3.37 32.74 -6.61
C GLU C 93 -2.33 31.61 -6.65
N PHE C 94 -1.93 31.23 -7.86
CA PHE C 94 -0.82 30.30 -8.06
C PHE C 94 0.38 31.06 -8.58
N VAL C 95 1.58 30.58 -8.26
CA VAL C 95 2.81 31.15 -8.80
C VAL C 95 2.83 30.83 -10.31
N GLY C 96 2.71 31.88 -11.12
CA GLY C 96 2.75 31.76 -12.58
C GLY C 96 1.47 32.26 -13.23
N SER C 97 0.33 31.75 -12.78
CA SER C 97 -0.97 32.08 -13.37
C SER C 97 -1.36 33.53 -13.10
N PRO C 98 -1.74 34.28 -14.16
CA PRO C 98 -2.29 35.63 -13.94
C PRO C 98 -3.74 35.61 -13.46
N GLU C 99 -4.45 34.49 -13.64
CA GLU C 99 -5.83 34.37 -13.21
C GLU C 99 -5.93 34.13 -11.70
N LEU C 100 -6.89 34.80 -11.06
CA LEU C 100 -7.10 34.76 -9.61
C LEU C 100 -8.51 34.24 -9.34
N MET C 101 -8.60 33.23 -8.46
CA MET C 101 -9.88 32.61 -8.11
C MET C 101 -10.49 33.33 -6.92
N ASP C 102 -11.59 34.04 -7.15
CA ASP C 102 -12.33 34.72 -6.09
C ASP C 102 -13.50 33.83 -5.66
N VAL C 103 -13.31 33.07 -4.58
CA VAL C 103 -14.26 32.05 -4.15
C VAL C 103 -15.19 32.57 -3.06
N HIS C 104 -16.50 32.44 -3.29
CA HIS C 104 -17.52 32.75 -2.30
C HIS C 104 -18.04 31.44 -1.71
N ILE C 105 -17.82 31.25 -0.41
CA ILE C 105 -18.11 29.99 0.27
C ILE C 105 -19.42 30.11 1.03
N PHE C 106 -20.28 29.10 0.90
CA PHE C 106 -21.61 29.08 1.51
C PHE C 106 -21.83 27.80 2.28
N SER C 107 -22.63 27.88 3.34
CA SER C 107 -23.04 26.71 4.11
C SER C 107 -24.54 26.51 3.98
N ALA C 108 -24.98 25.29 4.27
CA ALA C 108 -26.39 24.91 4.16
C ALA C 108 -26.73 23.94 5.28
N ASP C 109 -27.71 24.34 6.08
CA ASP C 109 -28.26 23.52 7.16
C ASP C 109 -29.24 22.44 6.66
N HIS C 110 -29.98 22.73 5.60
CA HIS C 110 -31.15 21.94 5.20
C HIS C 110 -31.25 21.81 3.68
N VAL C 111 -31.40 20.57 3.21
CA VAL C 111 -31.46 20.26 1.77
C VAL C 111 -32.71 19.46 1.42
N HIS C 112 -33.05 19.47 0.14
CA HIS C 112 -34.20 18.73 -0.38
C HIS C 112 -33.75 17.79 -1.48
N GLY C 113 -34.18 16.54 -1.40
CA GLY C 113 -33.81 15.48 -2.34
C GLY C 113 -32.85 14.49 -1.72
N THR C 114 -32.22 13.69 -2.59
CA THR C 114 -31.30 12.63 -2.18
C THR C 114 -29.94 12.88 -2.85
N PRO C 115 -28.83 12.78 -2.07
CA PRO C 115 -27.50 12.93 -2.69
C PRO C 115 -27.26 11.88 -3.78
N THR C 116 -26.91 12.35 -4.98
CA THR C 116 -26.77 11.50 -6.16
C THR C 116 -25.45 11.80 -6.87
N GLU C 117 -24.80 10.76 -7.35
CA GLU C 117 -23.54 10.90 -8.07
C GLU C 117 -23.80 11.51 -9.45
N SER C 118 -23.10 12.61 -9.72
CA SER C 118 -23.11 13.24 -11.04
C SER C 118 -21.89 12.76 -11.84
N GLU C 119 -21.73 13.32 -13.04
CA GLU C 119 -20.54 13.04 -13.87
C GLU C 119 -19.29 13.62 -13.18
N GLU C 120 -19.46 14.79 -12.57
CA GLU C 120 -18.36 15.55 -12.00
C GLU C 120 -18.04 15.17 -10.54
N MET C 121 -19.05 14.82 -9.74
CA MET C 121 -18.89 14.66 -8.29
C MET C 121 -19.61 13.42 -7.73
N ARG C 122 -18.94 12.71 -6.81
CA ARG C 122 -19.55 11.63 -6.02
C ARG C 122 -19.76 12.09 -4.56
N PRO C 123 -21.01 12.43 -4.18
CA PRO C 123 -21.30 12.87 -2.81
C PRO C 123 -21.07 11.79 -1.73
N GLN C 124 -20.68 12.23 -0.54
CA GLN C 124 -20.57 11.33 0.62
C GLN C 124 -20.67 12.14 1.93
N TRP C 125 -21.46 11.64 2.87
CA TRP C 125 -21.55 12.21 4.22
C TRP C 125 -20.36 11.75 5.04
N PHE C 126 -19.76 12.69 5.77
CA PHE C 126 -18.70 12.41 6.74
C PHE C 126 -19.12 13.00 8.08
N GLN C 127 -18.83 12.29 9.17
CA GLN C 127 -18.91 12.90 10.50
C GLN C 127 -17.82 13.94 10.64
N LEU C 128 -18.02 14.89 11.54
CA LEU C 128 -17.12 16.04 11.68
C LEU C 128 -15.73 15.67 12.21
N ASP C 129 -15.66 14.63 13.04
CA ASP C 129 -14.36 14.11 13.50
C ASP C 129 -13.70 13.12 12.54
N GLN C 130 -14.34 12.84 11.39
CA GLN C 130 -13.81 11.93 10.36
C GLN C 130 -13.72 12.62 8.99
N ILE C 131 -13.33 13.90 8.99
CA ILE C 131 -13.21 14.69 7.75
C ILE C 131 -11.84 14.40 7.10
N PRO C 132 -11.82 14.03 5.81
CA PRO C 132 -10.58 13.60 5.16
C PRO C 132 -9.71 14.77 4.67
N PHE C 133 -9.10 15.49 5.62
CA PHE C 133 -8.29 16.67 5.30
C PHE C 133 -7.06 16.37 4.43
N ALA C 134 -6.49 15.18 4.59
CA ALA C 134 -5.37 14.72 3.75
C ALA C 134 -5.73 14.57 2.26
N ASP C 135 -7.01 14.27 1.97
CA ASP C 135 -7.52 14.16 0.60
C ASP C 135 -8.46 15.33 0.24
N MET C 136 -8.04 16.54 0.58
CA MET C 136 -8.73 17.78 0.23
C MET C 136 -7.70 18.79 -0.28
N TRP C 137 -8.16 19.97 -0.70
CA TRP C 137 -7.25 21.07 -0.98
C TRP C 137 -6.56 21.45 0.35
N PRO C 138 -5.25 21.77 0.31
CA PRO C 138 -4.53 22.00 1.57
C PRO C 138 -5.05 23.17 2.40
N ASP C 139 -5.54 24.22 1.72
CA ASP C 139 -6.17 25.37 2.40
C ASP C 139 -7.33 24.98 3.33
N ASP C 140 -8.08 23.93 2.98
CA ASP C 140 -9.24 23.48 3.79
C ASP C 140 -8.91 23.27 5.27
N SER C 141 -7.74 22.69 5.55
CA SER C 141 -7.29 22.46 6.93
C SER C 141 -7.18 23.71 7.79
N TYR C 142 -6.92 24.87 7.15
CA TYR C 142 -6.80 26.15 7.85
C TYR C 142 -8.16 26.79 8.16
N TRP C 143 -9.04 26.88 7.16
CA TRP C 143 -10.33 27.60 7.32
C TRP C 143 -11.54 26.77 7.75
N PHE C 144 -11.46 25.45 7.66
CA PHE C 144 -12.58 24.56 8.07
C PHE C 144 -12.96 24.71 9.54
N PRO C 145 -11.97 24.83 10.44
CA PRO C 145 -12.28 25.13 11.85
C PRO C 145 -13.16 26.36 12.08
N LEU C 146 -12.99 27.39 11.25
CA LEU C 146 -13.77 28.64 11.36
C LEU C 146 -15.22 28.40 10.95
N LEU C 147 -15.41 27.74 9.80
CA LEU C 147 -16.72 27.26 9.37
C LEU C 147 -17.44 26.48 10.47
N LEU C 148 -16.74 25.50 11.04
CA LEU C 148 -17.31 24.60 12.06
C LEU C 148 -17.57 25.28 13.41
N GLN C 149 -16.85 26.37 13.69
CA GLN C 149 -17.13 27.22 14.85
C GLN C 149 -18.23 28.29 14.58
N LYS C 150 -18.93 28.19 13.45
CA LYS C 150 -20.00 29.11 13.05
C LYS C 150 -19.50 30.55 12.96
N LYS C 151 -18.46 30.74 12.15
CA LYS C 151 -17.81 32.04 11.99
C LYS C 151 -17.67 32.42 10.52
N LYS C 152 -17.94 33.69 10.22
CA LYS C 152 -17.67 34.26 8.90
C LYS C 152 -16.20 34.61 8.82
N PHE C 153 -15.60 34.53 7.62
CA PHE C 153 -14.17 34.83 7.45
C PHE C 153 -13.77 35.31 6.05
N CYS C 154 -12.74 36.16 6.01
CA CYS C 154 -12.07 36.58 4.78
C CYS C 154 -10.65 36.00 4.76
N GLY C 155 -10.13 35.78 3.57
CA GLY C 155 -8.78 35.22 3.44
C GLY C 155 -8.21 35.23 2.05
N HIS C 156 -6.91 34.93 1.97
CA HIS C 156 -6.19 34.85 0.71
C HIS C 156 -5.07 33.82 0.84
N PHE C 157 -4.83 33.05 -0.22
CA PHE C 157 -3.79 32.02 -0.24
C PHE C 157 -2.93 32.16 -1.51
N LYS C 158 -1.61 32.02 -1.36
CA LYS C 158 -0.67 31.95 -2.47
C LYS C 158 -0.11 30.53 -2.54
N PHE C 159 -0.23 29.90 -3.71
CA PHE C 159 0.18 28.50 -3.92
C PHE C 159 1.39 28.41 -4.84
N GLN C 160 2.33 27.52 -4.50
CA GLN C 160 3.44 27.16 -5.37
C GLN C 160 2.93 26.20 -6.43
N ASP C 161 2.35 25.10 -5.95
CA ASP C 161 1.70 24.11 -6.81
C ASP C 161 0.39 23.68 -6.11
N GLN C 162 -0.26 22.61 -6.55
CA GLN C 162 -1.52 22.18 -5.94
C GLN C 162 -1.39 21.58 -4.52
N ASP C 163 -0.17 21.22 -4.10
CA ASP C 163 0.08 20.65 -2.77
C ASP C 163 0.74 21.60 -1.77
N THR C 164 1.14 22.80 -2.22
CA THR C 164 2.10 23.62 -1.46
C THR C 164 1.66 25.08 -1.33
N ILE C 165 1.31 25.48 -0.10
CA ILE C 165 0.95 26.85 0.24
C ILE C 165 2.21 27.61 0.62
N LEU C 166 2.42 28.77 -0.01
CA LEU C 166 3.55 29.63 0.32
C LEU C 166 3.19 30.60 1.43
N SER C 167 2.03 31.24 1.31
CA SER C 167 1.55 32.22 2.29
C SER C 167 0.04 32.23 2.37
N TYR C 168 -0.48 32.75 3.49
CA TYR C 168 -1.92 32.90 3.65
C TYR C 168 -2.28 33.97 4.68
N SER C 169 -3.36 34.69 4.40
CA SER C 169 -4.04 35.53 5.38
C SER C 169 -5.40 34.90 5.67
N LEU C 170 -5.81 34.88 6.94
CA LEU C 170 -7.11 34.34 7.34
C LEU C 170 -7.63 35.14 8.53
N ARG C 171 -8.83 35.69 8.38
CA ARG C 171 -9.35 36.69 9.32
C ARG C 171 -10.85 36.55 9.49
N GLU C 172 -11.31 36.49 10.75
CA GLU C 172 -12.73 36.49 11.07
C GLU C 172 -13.32 37.89 10.87
N VAL C 173 -14.56 37.94 10.40
CA VAL C 173 -15.33 39.17 10.30
C VAL C 173 -16.73 38.93 10.85
N ASP C 174 -17.49 40.01 11.05
CA ASP C 174 -18.85 39.94 11.56
C ASP C 174 -19.82 40.57 10.57
N THR D 23 -7.85 -27.57 5.57
CA THR D 23 -8.93 -27.62 6.61
C THR D 23 -9.64 -26.27 6.75
N SER D 24 -10.77 -26.29 7.44
CA SER D 24 -11.56 -25.07 7.68
C SER D 24 -11.15 -24.41 9.00
N ARG D 25 -10.87 -23.10 8.94
CA ARG D 25 -10.51 -22.32 10.13
C ARG D 25 -11.59 -21.26 10.38
N LEU D 26 -12.01 -21.13 11.63
CA LEU D 26 -13.12 -20.24 12.00
C LEU D 26 -12.71 -18.77 12.02
N TYR D 27 -13.61 -17.92 11.49
CA TYR D 27 -13.46 -16.47 11.56
C TYR D 27 -14.77 -15.82 12.00
N THR D 28 -14.66 -14.63 12.57
CA THR D 28 -15.81 -13.82 12.94
C THR D 28 -15.83 -12.54 12.12
N LEU D 29 -17.02 -12.02 11.85
CA LEU D 29 -17.18 -10.71 11.21
C LEU D 29 -18.40 -10.03 11.84
N VAL D 30 -18.19 -8.80 12.33
CA VAL D 30 -19.20 -8.05 13.08
C VAL D 30 -19.49 -6.74 12.36
N LEU D 31 -20.74 -6.55 11.99
CA LEU D 31 -21.18 -5.35 11.27
C LEU D 31 -21.97 -4.48 12.22
N VAL D 32 -21.43 -3.29 12.51
CA VAL D 32 -22.03 -2.37 13.48
C VAL D 32 -23.09 -1.53 12.76
N LEU D 33 -24.36 -1.93 12.92
CA LEU D 33 -25.47 -1.28 12.24
C LEU D 33 -26.27 -0.35 13.16
N GLN D 34 -26.80 0.70 12.54
CA GLN D 34 -27.75 1.62 13.16
C GLN D 34 -28.70 2.08 12.06
N PRO D 35 -29.89 2.61 12.42
CA PRO D 35 -30.96 2.90 11.46
C PRO D 35 -30.54 3.42 10.07
N GLN D 36 -29.63 4.40 10.03
CA GLN D 36 -29.23 5.06 8.79
C GLN D 36 -27.76 4.86 8.39
N ARG D 37 -26.98 4.10 9.17
CA ARG D 37 -25.54 4.02 8.93
C ARG D 37 -24.86 2.76 9.47
N VAL D 38 -23.64 2.53 8.99
CA VAL D 38 -22.84 1.36 9.39
C VAL D 38 -21.41 1.81 9.69
N LEU D 39 -20.85 1.30 10.78
CA LEU D 39 -19.45 1.56 11.11
C LEU D 39 -18.55 0.48 10.51
N LEU D 40 -17.94 0.79 9.37
CA LEU D 40 -16.88 -0.05 8.80
C LEU D 40 -15.53 0.38 9.38
N GLY D 41 -14.50 -0.37 9.04
CA GLY D 41 -13.13 -0.07 9.46
C GLY D 41 -12.15 -0.31 8.32
N MET D 42 -11.24 0.64 8.13
CA MET D 42 -10.20 0.54 7.12
C MET D 42 -9.06 -0.33 7.67
N LYS D 43 -8.80 -1.46 7.03
CA LYS D 43 -7.74 -2.38 7.43
C LYS D 43 -6.35 -1.78 7.15
N LYS D 44 -5.58 -1.56 8.22
CA LYS D 44 -4.32 -0.82 8.14
C LYS D 44 -3.13 -1.70 7.78
N ARG D 45 -3.17 -2.96 8.21
CA ARG D 45 -2.13 -3.95 7.86
C ARG D 45 -2.73 -5.34 7.69
N GLY D 46 -1.93 -6.25 7.13
CA GLY D 46 -2.31 -7.66 7.01
C GLY D 46 -3.26 -7.96 5.87
N PHE D 47 -3.82 -9.16 5.90
CA PHE D 47 -4.66 -9.70 4.83
C PHE D 47 -5.93 -8.86 4.65
N GLY D 48 -6.01 -8.15 3.54
CA GLY D 48 -7.12 -7.24 3.22
C GLY D 48 -6.82 -5.77 3.44
N ALA D 49 -5.56 -5.41 3.61
CA ALA D 49 -5.19 -4.02 3.90
C ALA D 49 -5.55 -3.08 2.74
N GLY D 50 -6.13 -1.94 3.08
CA GLY D 50 -6.61 -0.98 2.07
C GLY D 50 -8.05 -1.22 1.62
N ARG D 51 -8.83 -1.91 2.45
CA ARG D 51 -10.24 -2.18 2.17
C ARG D 51 -11.10 -2.01 3.40
N TRP D 52 -12.29 -1.48 3.20
CA TRP D 52 -13.28 -1.35 4.28
C TRP D 52 -13.90 -2.72 4.57
N ASN D 53 -14.08 -3.01 5.85
CA ASN D 53 -14.66 -4.28 6.28
C ASN D 53 -15.25 -4.10 7.67
N GLY D 54 -16.07 -5.05 8.07
CA GLY D 54 -16.52 -5.14 9.47
C GLY D 54 -15.39 -5.58 10.37
N PHE D 55 -15.65 -5.60 11.67
CA PHE D 55 -14.66 -5.95 12.66
C PHE D 55 -14.72 -7.46 12.92
N GLY D 56 -13.55 -8.07 13.12
CA GLY D 56 -13.47 -9.49 13.35
C GLY D 56 -12.08 -10.02 13.08
N GLY D 57 -11.95 -11.34 13.20
CA GLY D 57 -10.68 -12.02 12.96
C GLY D 57 -10.83 -13.49 13.27
N LYS D 58 -9.70 -14.15 13.53
CA LYS D 58 -9.68 -15.58 13.83
C LYS D 58 -10.31 -15.84 15.19
N VAL D 59 -11.00 -16.98 15.29
CA VAL D 59 -11.55 -17.45 16.56
C VAL D 59 -10.44 -18.27 17.23
N GLN D 60 -10.13 -17.92 18.48
CA GLN D 60 -9.07 -18.59 19.24
C GLN D 60 -9.58 -19.85 19.92
N GLU D 61 -8.65 -20.64 20.45
CA GLU D 61 -8.97 -21.80 21.27
C GLU D 61 -9.55 -21.33 22.60
N GLY D 62 -10.58 -22.00 23.09
CA GLY D 62 -11.14 -21.72 24.42
C GLY D 62 -12.07 -20.51 24.53
N GLU D 63 -12.57 -20.04 23.40
CA GLU D 63 -13.67 -19.07 23.35
C GLU D 63 -14.67 -19.56 22.33
N THR D 64 -15.93 -19.21 22.51
CA THR D 64 -16.96 -19.48 21.51
C THR D 64 -16.80 -18.50 20.34
N ILE D 65 -17.47 -18.81 19.23
CA ILE D 65 -17.47 -17.94 18.04
C ILE D 65 -18.00 -16.54 18.40
N GLU D 66 -19.10 -16.49 19.15
CA GLU D 66 -19.72 -15.23 19.57
C GLU D 66 -18.84 -14.43 20.55
N ASP D 67 -18.13 -15.13 21.45
CA ASP D 67 -17.13 -14.49 22.31
C ASP D 67 -16.01 -13.86 21.48
N GLY D 68 -15.49 -14.62 20.52
CA GLY D 68 -14.50 -14.13 19.57
C GLY D 68 -14.93 -12.86 18.85
N ALA D 69 -16.18 -12.83 18.41
CA ALA D 69 -16.76 -11.65 17.75
C ALA D 69 -16.77 -10.42 18.66
N LYS D 70 -17.15 -10.62 19.92
CA LYS D 70 -17.17 -9.54 20.91
C LYS D 70 -15.77 -9.02 21.25
N ARG D 71 -14.83 -9.95 21.39
CA ARG D 71 -13.41 -9.62 21.63
C ARG D 71 -12.82 -8.81 20.47
N GLU D 72 -13.02 -9.28 19.25
CA GLU D 72 -12.46 -8.64 18.06
C GLU D 72 -13.08 -7.26 17.77
N LEU D 73 -14.38 -7.12 18.06
CA LEU D 73 -15.06 -5.82 17.98
C LEU D 73 -14.46 -4.84 18.98
N LEU D 74 -14.16 -5.32 20.18
CA LEU D 74 -13.59 -4.48 21.24
C LEU D 74 -12.15 -4.09 20.92
N GLU D 75 -11.31 -5.07 20.60
CA GLU D 75 -9.88 -4.83 20.35
C GLU D 75 -9.61 -3.94 19.13
N GLU D 76 -10.48 -3.99 18.12
CA GLU D 76 -10.28 -3.26 16.86
C GLU D 76 -10.98 -1.90 16.80
N SER D 77 -12.19 -1.81 17.35
CA SER D 77 -12.99 -0.57 17.32
C SER D 77 -13.10 0.16 18.66
N GLY D 78 -12.94 -0.57 19.77
CA GLY D 78 -13.15 -0.01 21.10
C GLY D 78 -14.60 0.03 21.52
N LEU D 79 -15.43 -0.85 20.95
CA LEU D 79 -16.87 -0.92 21.25
C LEU D 79 -17.25 -2.21 21.98
N SER D 80 -18.19 -2.08 22.92
CA SER D 80 -18.69 -3.20 23.71
C SER D 80 -20.12 -3.50 23.33
N VAL D 81 -20.56 -4.72 23.61
CA VAL D 81 -21.95 -5.13 23.42
C VAL D 81 -22.42 -6.01 24.57
N ASP D 82 -23.73 -6.03 24.79
CA ASP D 82 -24.37 -7.06 25.60
C ASP D 82 -24.66 -8.29 24.71
N THR D 83 -25.15 -8.04 23.50
CA THR D 83 -25.60 -9.09 22.60
C THR D 83 -25.18 -8.86 21.14
N LEU D 84 -25.28 -9.93 20.34
CA LEU D 84 -25.09 -9.88 18.89
C LEU D 84 -26.23 -10.63 18.21
N HIS D 85 -26.47 -10.31 16.93
CA HIS D 85 -27.42 -11.05 16.11
C HIS D 85 -26.67 -11.91 15.10
N LYS D 86 -27.06 -13.19 15.01
CA LYS D 86 -26.53 -14.09 13.98
C LYS D 86 -27.22 -13.72 12.67
N VAL D 87 -26.44 -13.24 11.70
CA VAL D 87 -26.98 -12.77 10.42
C VAL D 87 -26.50 -13.53 9.18
N GLY D 88 -25.27 -14.05 9.20
CA GLY D 88 -24.68 -14.67 8.02
C GLY D 88 -23.69 -15.77 8.31
N HIS D 89 -23.56 -16.70 7.37
CA HIS D 89 -22.58 -17.77 7.46
C HIS D 89 -22.08 -18.10 6.05
N ILE D 90 -20.90 -17.59 5.71
CA ILE D 90 -20.31 -17.81 4.40
C ILE D 90 -18.96 -18.51 4.54
N SER D 91 -18.71 -19.49 3.67
CA SER D 91 -17.44 -20.21 3.61
C SER D 91 -16.64 -19.79 2.37
N PHE D 92 -15.41 -19.33 2.57
CA PHE D 92 -14.55 -18.88 1.48
C PHE D 92 -13.38 -19.84 1.26
N GLU D 93 -13.04 -20.06 -0.02
CA GLU D 93 -11.81 -20.77 -0.39
C GLU D 93 -11.18 -20.13 -1.62
N PHE D 94 -9.90 -20.42 -1.82
CA PHE D 94 -9.12 -19.84 -2.91
C PHE D 94 -8.56 -20.93 -3.82
N VAL D 95 -8.39 -20.60 -5.10
CA VAL D 95 -7.73 -21.48 -6.06
C VAL D 95 -6.25 -21.53 -5.67
N GLY D 96 -5.80 -22.70 -5.22
CA GLY D 96 -4.41 -22.89 -4.76
C GLY D 96 -4.30 -23.08 -3.26
N SER D 97 -5.02 -22.27 -2.49
CA SER D 97 -4.97 -22.35 -1.02
C SER D 97 -5.73 -23.59 -0.53
N PRO D 98 -5.10 -24.40 0.34
CA PRO D 98 -5.82 -25.53 0.95
C PRO D 98 -6.79 -25.08 2.05
N GLU D 99 -6.46 -23.99 2.75
CA GLU D 99 -7.27 -23.52 3.87
C GLU D 99 -8.59 -22.95 3.38
N LEU D 100 -9.63 -23.13 4.20
CA LEU D 100 -10.97 -22.62 3.94
C LEU D 100 -11.36 -21.71 5.10
N MET D 101 -11.85 -20.52 4.79
CA MET D 101 -12.30 -19.58 5.82
C MET D 101 -13.76 -19.83 6.10
N ASP D 102 -14.07 -20.34 7.29
CA ASP D 102 -15.45 -20.53 7.75
C ASP D 102 -15.86 -19.28 8.55
N VAL D 103 -16.58 -18.36 7.88
CA VAL D 103 -16.84 -17.03 8.42
C VAL D 103 -18.27 -16.90 8.99
N HIS D 104 -18.37 -16.73 10.30
CA HIS D 104 -19.64 -16.48 10.97
C HIS D 104 -19.87 -14.98 11.10
N ILE D 105 -20.84 -14.47 10.34
CA ILE D 105 -21.10 -13.03 10.26
C ILE D 105 -22.18 -12.62 11.26
N PHE D 106 -21.90 -11.52 11.98
CA PHE D 106 -22.77 -10.99 13.04
C PHE D 106 -23.13 -9.53 12.81
N SER D 107 -24.20 -9.10 13.45
CA SER D 107 -24.68 -7.72 13.38
C SER D 107 -24.79 -7.15 14.79
N ALA D 108 -24.07 -6.05 15.05
CA ALA D 108 -24.18 -5.31 16.31
C ALA D 108 -25.14 -4.14 16.12
N ASP D 109 -26.42 -4.40 16.39
CA ASP D 109 -27.50 -3.40 16.29
C ASP D 109 -27.35 -2.30 17.35
N HIS D 110 -26.72 -2.64 18.49
CA HIS D 110 -26.54 -1.73 19.62
C HIS D 110 -25.14 -1.90 20.24
N VAL D 111 -24.49 -0.77 20.55
CA VAL D 111 -23.11 -0.76 21.04
C VAL D 111 -22.89 0.30 22.13
N HIS D 112 -21.90 0.06 22.99
CA HIS D 112 -21.46 1.03 24.01
C HIS D 112 -20.06 1.55 23.68
N GLY D 113 -19.78 2.78 24.10
CA GLY D 113 -18.47 3.40 23.93
C GLY D 113 -18.31 4.20 22.65
N THR D 114 -17.06 4.59 22.39
CA THR D 114 -16.70 5.45 21.26
C THR D 114 -15.83 4.66 20.27
N PRO D 115 -16.11 4.78 18.95
CA PRO D 115 -15.22 4.17 17.95
C PRO D 115 -13.78 4.71 17.99
N THR D 116 -12.87 3.89 18.49
CA THR D 116 -11.46 4.23 18.64
C THR D 116 -10.64 3.52 17.57
N GLU D 117 -9.69 4.26 16.98
CA GLU D 117 -8.78 3.69 15.98
C GLU D 117 -7.71 2.81 16.65
N SER D 118 -7.70 1.53 16.29
CA SER D 118 -6.69 0.57 16.75
C SER D 118 -5.52 0.49 15.76
N GLU D 119 -4.54 -0.34 16.11
CA GLU D 119 -3.43 -0.66 15.20
C GLU D 119 -3.93 -1.41 13.95
N GLU D 120 -4.97 -2.22 14.14
CA GLU D 120 -5.56 -3.04 13.11
C GLU D 120 -6.45 -2.19 12.18
N MET D 121 -7.43 -1.51 12.77
CA MET D 121 -8.52 -0.87 12.01
C MET D 121 -8.68 0.60 12.34
N ARG D 122 -9.12 1.37 11.34
CA ARG D 122 -9.50 2.77 11.49
C ARG D 122 -11.01 2.90 11.21
N PRO D 123 -11.84 2.97 12.27
CA PRO D 123 -13.30 3.05 12.07
C PRO D 123 -13.78 4.31 11.33
N GLN D 124 -14.81 4.14 10.50
CA GLN D 124 -15.53 5.27 9.87
C GLN D 124 -17.01 4.99 9.64
N TRP D 125 -17.85 5.98 9.92
CA TRP D 125 -19.29 5.90 9.68
C TRP D 125 -19.61 6.15 8.21
N PHE D 126 -20.41 5.26 7.64
CA PHE D 126 -20.95 5.41 6.29
C PHE D 126 -22.46 5.32 6.35
N GLN D 127 -23.14 6.25 5.69
CA GLN D 127 -24.59 6.16 5.51
C GLN D 127 -24.89 4.97 4.59
N LEU D 128 -26.04 4.33 4.81
CA LEU D 128 -26.35 3.04 4.18
C LEU D 128 -26.54 3.05 2.66
N ASP D 129 -26.78 4.22 2.07
CA ASP D 129 -26.77 4.38 0.60
C ASP D 129 -25.44 4.92 0.06
N GLN D 130 -24.38 4.87 0.87
CA GLN D 130 -23.06 5.39 0.51
C GLN D 130 -21.95 4.41 0.92
N ILE D 131 -22.26 3.11 0.87
CA ILE D 131 -21.34 2.06 1.29
C ILE D 131 -20.31 1.88 0.16
N PRO D 132 -18.99 1.95 0.49
CA PRO D 132 -17.98 1.96 -0.57
C PRO D 132 -17.62 0.57 -1.07
N PHE D 133 -18.54 -0.05 -1.80
CA PHE D 133 -18.37 -1.43 -2.29
C PHE D 133 -17.16 -1.65 -3.21
N ALA D 134 -16.70 -0.57 -3.88
CA ALA D 134 -15.50 -0.62 -4.72
C ALA D 134 -14.23 -0.88 -3.93
N ASP D 135 -14.18 -0.39 -2.69
CA ASP D 135 -13.02 -0.55 -1.81
C ASP D 135 -13.32 -1.54 -0.67
N MET D 136 -14.15 -2.53 -0.96
CA MET D 136 -14.49 -3.60 -0.02
C MET D 136 -14.25 -4.93 -0.74
N TRP D 137 -14.28 -6.02 0.02
CA TRP D 137 -14.18 -7.36 -0.54
C TRP D 137 -15.31 -7.58 -1.54
N PRO D 138 -15.00 -8.16 -2.73
CA PRO D 138 -16.03 -8.33 -3.78
C PRO D 138 -17.32 -9.03 -3.32
N ASP D 139 -17.20 -10.03 -2.45
CA ASP D 139 -18.37 -10.74 -1.93
C ASP D 139 -19.39 -9.84 -1.19
N ASP D 140 -18.92 -8.76 -0.57
CA ASP D 140 -19.79 -7.83 0.18
C ASP D 140 -20.93 -7.24 -0.65
N SER D 141 -20.64 -6.91 -1.91
CA SER D 141 -21.66 -6.43 -2.84
C SER D 141 -22.83 -7.40 -3.00
N TYR D 142 -22.55 -8.70 -2.89
CA TYR D 142 -23.56 -9.76 -3.00
C TYR D 142 -24.40 -9.99 -1.73
N TRP D 143 -23.77 -10.01 -0.55
CA TRP D 143 -24.48 -10.38 0.69
C TRP D 143 -24.88 -9.20 1.61
N PHE D 144 -24.33 -8.01 1.38
CA PHE D 144 -24.66 -6.84 2.21
C PHE D 144 -26.15 -6.48 2.13
N PRO D 145 -26.74 -6.43 0.91
CA PRO D 145 -28.18 -6.19 0.80
C PRO D 145 -29.07 -7.17 1.57
N LEU D 146 -28.64 -8.43 1.71
CA LEU D 146 -29.37 -9.43 2.51
C LEU D 146 -29.39 -9.06 3.99
N LEU D 147 -28.26 -8.54 4.48
CA LEU D 147 -28.18 -8.02 5.85
C LEU D 147 -29.07 -6.79 6.06
N LEU D 148 -29.09 -5.88 5.08
CA LEU D 148 -29.90 -4.65 5.19
C LEU D 148 -31.42 -4.89 5.15
N GLN D 149 -31.84 -6.02 4.56
CA GLN D 149 -33.24 -6.46 4.60
C GLN D 149 -33.58 -7.32 5.84
N LYS D 150 -32.59 -7.52 6.72
CA LYS D 150 -32.73 -8.31 7.96
C LYS D 150 -33.12 -9.77 7.69
N LYS D 151 -32.48 -10.35 6.69
CA LYS D 151 -32.67 -11.74 6.31
C LYS D 151 -31.39 -12.49 6.64
N LYS D 152 -31.53 -13.62 7.34
CA LYS D 152 -30.38 -14.48 7.65
C LYS D 152 -29.94 -15.17 6.35
N PHE D 153 -28.64 -15.29 6.13
CA PHE D 153 -28.11 -15.86 4.88
C PHE D 153 -27.03 -16.92 5.09
N CYS D 154 -26.97 -17.85 4.14
CA CYS D 154 -25.96 -18.90 4.09
C CYS D 154 -25.36 -18.91 2.70
N GLY D 155 -24.07 -19.20 2.58
CA GLY D 155 -23.43 -19.19 1.27
C GLY D 155 -22.01 -19.69 1.22
N HIS D 156 -21.54 -19.87 -0.02
CA HIS D 156 -20.16 -20.23 -0.30
C HIS D 156 -19.66 -19.37 -1.44
N PHE D 157 -18.38 -18.97 -1.35
CA PHE D 157 -17.72 -18.22 -2.39
C PHE D 157 -16.36 -18.85 -2.69
N LYS D 158 -15.98 -18.86 -3.97
CA LYS D 158 -14.69 -19.39 -4.42
C LYS D 158 -14.00 -18.31 -5.22
N PHE D 159 -12.81 -17.91 -4.78
CA PHE D 159 -12.07 -16.78 -5.38
C PHE D 159 -10.89 -17.26 -6.24
N GLN D 160 -10.79 -16.69 -7.45
CA GLN D 160 -9.63 -16.91 -8.34
C GLN D 160 -8.43 -16.21 -7.73
N ASP D 161 -8.65 -14.96 -7.36
CA ASP D 161 -7.67 -14.14 -6.64
C ASP D 161 -8.44 -13.24 -5.66
N GLN D 162 -7.73 -12.40 -4.92
CA GLN D 162 -8.36 -11.46 -3.96
C GLN D 162 -9.37 -10.47 -4.59
N ASP D 163 -9.23 -10.19 -5.88
CA ASP D 163 -10.11 -9.24 -6.59
C ASP D 163 -11.20 -9.88 -7.47
N THR D 164 -11.22 -11.22 -7.58
CA THR D 164 -12.03 -11.91 -8.59
C THR D 164 -12.73 -13.16 -8.02
N ILE D 165 -14.06 -13.12 -7.99
CA ILE D 165 -14.86 -14.28 -7.60
C ILE D 165 -14.95 -15.22 -8.79
N LEU D 166 -14.58 -16.49 -8.57
CA LEU D 166 -14.75 -17.53 -9.57
C LEU D 166 -16.18 -18.04 -9.55
N SER D 167 -16.62 -18.50 -8.38
CA SER D 167 -17.97 -19.07 -8.21
C SER D 167 -18.58 -18.74 -6.85
N TYR D 168 -19.91 -18.66 -6.80
CA TYR D 168 -20.63 -18.48 -5.54
C TYR D 168 -22.06 -19.04 -5.56
N SER D 169 -22.52 -19.42 -4.37
CA SER D 169 -23.94 -19.67 -4.11
C SER D 169 -24.32 -18.90 -2.86
N LEU D 170 -25.49 -18.25 -2.90
CA LEU D 170 -25.98 -17.48 -1.78
C LEU D 170 -27.48 -17.70 -1.64
N ARG D 171 -27.92 -18.03 -0.43
CA ARG D 171 -29.34 -18.26 -0.13
C ARG D 171 -29.67 -17.72 1.26
N GLU D 172 -30.93 -17.35 1.47
CA GLU D 172 -31.41 -17.01 2.82
C GLU D 172 -32.03 -18.22 3.51
N VAL D 173 -32.06 -18.16 4.84
CA VAL D 173 -32.58 -19.24 5.68
C VAL D 173 -33.38 -18.66 6.85
N ASP D 174 -34.27 -19.47 7.41
CA ASP D 174 -35.08 -19.07 8.55
C ASP D 174 -34.29 -19.12 9.85
N SER D 175 -33.46 -20.15 10.01
CA SER D 175 -32.64 -20.33 11.21
C SER D 175 -31.36 -21.14 10.92
N PHE D 176 -30.29 -20.80 11.64
CA PHE D 176 -28.98 -21.44 11.47
C PHE D 176 -28.90 -22.79 12.18
C13 2GE E . 4.00 -14.83 -11.25
C17 2GE E . 1.99 -13.59 -8.80
N01 2GE E . 5.97 -12.76 -14.29
C02 2GE E . 5.28 -13.48 -13.22
N03 2GE E . 4.92 -14.74 -13.43
C04 2GE E . 4.29 -15.43 -12.48
C05 2GE E . 3.92 -16.89 -12.79
C06 2GE E . 4.93 -17.73 -13.28
C07 2GE E . 4.65 -19.06 -13.59
C08 2GE E . 3.36 -19.56 -13.42
C09 2GE E . 2.35 -18.73 -12.93
CL1 2GE E . 0.70 -19.37 -12.71
C11 2GE E . 2.63 -17.39 -12.62
CL2 2GE E . 1.30 -16.36 -12.00
C14 2GE E . 4.38 -13.48 -11.08
N15 2GE E . 4.12 -12.74 -9.84
C16 2GE E . 3.50 -13.39 -8.70
C18 2GE E . 2.56 -12.49 -7.90
N19 2GE E . 5.01 -12.87 -12.07
N NO3 F . 1.57 -18.59 -17.10
O1 NO3 F . 0.89 -18.36 -16.11
O2 NO3 F . 2.93 -18.31 -17.10
O3 NO3 F . 0.96 -19.12 -18.24
N NO3 G . 10.33 -29.37 -26.82
O1 NO3 G . 10.57 -28.19 -26.98
O2 NO3 G . 11.31 -30.33 -27.06
O3 NO3 G . 9.04 -29.76 -26.40
N NO3 H . 18.34 -3.43 -19.84
O1 NO3 H . 18.94 -2.73 -19.04
O2 NO3 H . 19.05 -4.11 -20.85
O3 NO3 H . 16.94 -3.55 -19.75
N NO3 I . 16.71 -22.15 -12.76
O1 NO3 I . 17.14 -21.61 -11.75
O2 NO3 I . 16.75 -21.45 -13.98
O3 NO3 I . 16.16 -23.43 -12.72
N NO3 J . -3.26 -24.92 -23.66
O1 NO3 J . -4.01 -24.23 -22.97
O2 NO3 J . -1.98 -25.23 -23.19
O3 NO3 J . -3.70 -25.40 -24.90
N NO3 K . 0.31 -15.43 -35.07
O1 NO3 K . 0.53 -14.79 -34.06
O2 NO3 K . 1.27 -16.32 -35.57
O3 NO3 K . -0.93 -15.29 -35.73
C1 PEG L . 3.61 -1.85 -6.66
O1 PEG L . 3.14 -3.20 -6.60
C2 PEG L . 5.12 -1.86 -6.95
O2 PEG L . 5.39 -1.37 -8.27
C3 PEG L . 5.07 -2.28 -9.33
C4 PEG L . 5.78 -1.84 -10.61
O4 PEG L . 5.33 -2.59 -11.75
C1 GOL M . -1.85 -21.31 -11.03
O1 GOL M . -3.08 -21.31 -10.30
C2 GOL M . -2.11 -21.73 -12.48
O2 GOL M . -2.51 -20.59 -13.24
C3 GOL M . -0.86 -22.40 -13.07
O3 GOL M . -0.72 -22.09 -14.47
C13 2GE N . 19.82 2.26 11.14
C17 2GE N . 15.47 1.59 11.14
N01 2GE N . 22.32 -1.06 10.77
C02 2GE N . 21.45 0.10 10.89
N03 2GE N . 21.99 1.30 11.10
C04 2GE N . 21.22 2.38 11.22
C05 2GE N . 21.89 3.74 11.45
C06 2GE N . 22.91 4.16 10.59
C07 2GE N . 23.54 5.39 10.81
C08 2GE N . 23.16 6.20 11.87
C09 2GE N . 22.14 5.78 12.73
CL1 2GE N . 21.61 6.79 14.12
C11 2GE N . 21.51 4.56 12.53
CL2 2GE N . 20.22 4.09 13.67
C14 2GE N . 19.29 0.99 10.92
N15 2GE N . 17.84 0.76 10.84
C16 2GE N . 16.92 1.89 10.74
C18 2GE N . 16.37 2.41 12.07
N19 2GE N . 20.13 -0.05 10.81
CU CU O . 47.69 1.44 6.17
N NO3 P . 25.21 4.84 14.73
O1 NO3 P . 25.29 4.65 15.93
O2 NO3 P . 25.13 6.14 14.24
O3 NO3 P . 25.19 3.76 13.84
N NO3 Q . 25.69 2.23 -4.28
O1 NO3 Q . 24.98 3.13 -4.71
O2 NO3 Q . 27.03 2.14 -4.65
O3 NO3 Q . 25.14 1.27 -3.41
N NO3 R . 8.32 -7.57 6.22
O1 NO3 R . 9.20 -7.84 7.02
O2 NO3 R . 8.55 -7.67 4.84
O3 NO3 R . 7.07 -7.14 6.68
N NO3 S . 37.45 -12.60 16.54
O1 NO3 S . 38.34 -11.77 16.61
O2 NO3 S . 37.62 -13.76 15.78
O3 NO3 S . 36.25 -12.37 17.23
N NO3 T . 25.29 -14.80 18.30
O1 NO3 T . 24.21 -14.30 18.56
O2 NO3 T . 26.48 -14.11 18.59
O3 NO3 T . 25.35 -16.05 17.69
C1 PEG U . 30.07 -8.85 25.12
O1 PEG U . 29.32 -7.62 25.07
C2 PEG U . 29.30 -9.97 24.44
O2 PEG U . 29.40 -9.83 23.03
C3 PEG U . 28.70 -10.83 22.28
C4 PEG U . 27.26 -10.39 22.06
O4 PEG U . 26.37 -11.50 22.25
C1 GOL V . 42.93 2.12 3.12
O1 GOL V . 41.86 1.98 4.07
C2 GOL V . 43.22 0.82 2.37
O2 GOL V . 44.24 1.09 1.41
C3 GOL V . 42.00 0.22 1.66
O3 GOL V . 40.80 0.26 2.44
C13 2GE W . -10.28 25.68 -4.23
C17 2GE W . -6.01 26.14 -4.65
N01 2GE W . -11.68 23.89 -0.73
C02 2GE W . -11.19 24.51 -1.94
N03 2GE W . -12.02 24.65 -2.97
C04 2GE W . -11.60 25.21 -4.10
C05 2GE W . -12.59 25.37 -5.26
C06 2GE W . -13.82 25.99 -5.00
C07 2GE W . -14.75 26.16 -6.02
C08 2GE W . -14.47 25.72 -7.31
C09 2GE W . -13.24 25.10 -7.58
CL1 2GE W . -12.85 24.54 -9.21
C11 2GE W . -12.30 24.94 -6.56
CL2 2GE W . -10.75 24.15 -6.98
C14 2GE W . -9.43 25.51 -3.12
N15 2GE W . -8.03 25.94 -3.16
C16 2GE W . -7.44 26.59 -4.35
C18 2GE W . -7.16 25.70 -5.55
N19 2GE W . -9.92 24.93 -2.02
CU CU X . -37.54 21.90 3.77
CU CU Y . -30.60 25.78 10.24
N NO3 Z . -19.78 35.52 0.49
O1 NO3 Z . -20.46 35.50 -0.52
O2 NO3 Z . -18.61 36.28 0.55
O3 NO3 Z . -20.17 34.76 1.61
N NO3 AA . -15.65 22.26 -7.07
O1 NO3 AA . -15.63 23.00 -6.09
O2 NO3 AA . -14.59 22.23 -7.96
O3 NO3 AA . -16.76 21.41 -7.27
N NO3 BA . -10.40 15.43 11.45
O1 NO3 BA . -9.81 16.11 12.28
O2 NO3 BA . -9.66 14.62 10.58
O3 NO3 BA . -11.80 15.49 11.37
C1 PEG CA . -15.37 8.62 16.72
O1 PEG CA . -16.66 9.08 16.28
C2 PEG CA . -14.29 9.13 15.78
O2 PEG CA . -13.41 8.07 15.41
C3 PEG CA . -12.40 8.50 14.48
C4 PEG CA . -11.20 7.57 14.58
O4 PEG CA . -11.61 6.21 14.46
C1 PEG DA . -14.44 6.24 -1.06
O1 PEG DA . -14.65 5.22 -2.03
C2 PEG DA . -14.22 5.59 0.31
O2 PEG DA . -14.74 6.44 1.33
C3 PEG DA . -13.94 7.59 1.62
C4 PEG DA . -13.71 7.68 3.12
O4 PEG DA . -12.44 8.29 3.39
C1 PEG EA . -30.35 34.82 0.57
O1 PEG EA . -31.74 34.67 0.92
C2 PEG EA . -29.69 35.81 1.52
O2 PEG EA . -28.26 35.64 1.42
C3 PEG EA . -27.53 35.98 2.61
C4 PEG EA . -27.04 34.69 3.26
O4 PEG EA . -26.04 34.99 4.25
C1 GOL FA . -33.68 26.11 3.64
O1 GOL FA . -32.31 25.77 3.34
C2 GOL FA . -33.89 26.55 5.10
O2 GOL FA . -32.80 26.16 5.95
C3 GOL FA . -35.20 25.98 5.64
O3 GOL FA . -35.72 26.79 6.70
C1 GOL GA . -31.53 17.28 5.02
O1 GOL GA . -32.43 17.89 5.95
C2 GOL GA . -31.38 15.78 5.26
O2 GOL GA . -30.51 15.57 6.38
C3 GOL GA . -30.79 15.08 4.03
O3 GOL GA . -31.74 15.07 2.96
MG MG HA . -30.07 26.27 4.30
C13 2GE IA . -13.46 -11.99 3.98
C17 2GE IA . -12.15 -13.55 0.14
N01 2GE IA . -16.39 -9.03 3.97
C02 2GE IA . -15.37 -10.07 3.97
N03 2GE IA . -14.75 -10.35 5.11
C04 2GE IA . -13.81 -11.28 5.14
C05 2GE IA . -13.11 -11.60 6.47
C06 2GE IA . -13.93 -11.94 7.56
C07 2GE IA . -13.36 -12.26 8.79
C08 2GE IA . -11.97 -12.23 8.94
C09 2GE IA . -11.16 -11.90 7.85
CL1 2GE IA . -9.39 -11.86 8.04
C11 2GE IA . -11.72 -11.58 6.62
CL2 2GE IA . -10.63 -11.16 5.26
C14 2GE IA . -14.14 -11.66 2.80
N15 2GE IA . -13.84 -12.32 1.52
C16 2GE IA . -12.92 -13.46 1.45
C18 2GE IA . -11.43 -13.10 1.42
N19 2GE IA . -15.06 -10.70 2.84
CU CU JA . -26.86 -0.20 25.91
N NO3 KA . -11.04 -8.10 9.54
O1 NO3 KA . -10.70 -7.10 10.13
O2 NO3 KA . -10.25 -8.61 8.49
O3 NO3 KA . -12.24 -8.75 9.88
N NO3 LA . -23.85 -17.84 12.89
O1 NO3 LA . -23.95 -16.65 12.63
O2 NO3 LA . -24.00 -18.79 11.87
O3 NO3 LA . -23.58 -18.26 14.20
N NO3 MA . -19.12 -14.24 -10.33
O1 NO3 MA . -19.79 -14.11 -9.31
O2 NO3 MA . -18.56 -13.12 -10.94
O3 NO3 MA . -18.93 -15.52 -10.87
N NO3 NA . -23.19 2.52 -2.48
O1 NO3 NA . -23.09 3.73 -2.49
O2 NO3 NA . -22.53 1.75 -3.46
O3 NO3 NA . -23.96 1.89 -1.50
N NO3 OA . -22.73 9.61 8.58
O1 NO3 OA . -22.37 9.56 9.76
O2 NO3 OA . -21.90 9.09 7.59
O3 NO3 OA . -23.96 10.19 8.24
#